data_6S8G
#
_entry.id   6S8G
#
_cell.length_a   1.00
_cell.length_b   1.00
_cell.length_c   1.00
_cell.angle_alpha   90.00
_cell.angle_beta   90.00
_cell.angle_gamma   90.00
#
_symmetry.space_group_name_H-M   'P 1'
#
loop_
_entity.id
_entity.type
_entity.pdbx_description
1 polymer 'Lipopolysaccharide ABC transporter, ATP-binding protein LptB'
2 polymer 'LPS export ABC transporter permease LptF'
3 polymer 'Inner membrane protein yjgQ'
4 non-polymer 'PHOSPHOAMINOPHOSPHONIC ACID-ADENYLATE ESTER'
5 non-polymer 'tetradecyl 4-O-alpha-D-glucopyranosyl-beta-D-glucopyranoside'
#
loop_
_entity_poly.entity_id
_entity_poly.type
_entity_poly.pdbx_seq_one_letter_code
_entity_poly.pdbx_strand_id
1 'polypeptide(L)'
;MATLTAKNLAKAYKGRRVVEDVSLTVNSGEIVGLLGPNGAGKTTTFYMVVGIVPRDAGNIIIDDDDISLLPLHARARRGI
GYLPQEASIFRRLSVYDNLMAVLQIRDDLSAEQREDRANELMEEFHIEHLRDSMGQSLSGGERRRVEIARALAANPKFIL
LDEPFAGVDPISVIDIKRIIEHLRDSGLGVLITDHNVRETLAVCERAYIVSQGHLIAHGTPTEILQDEHVKRVYLGEDFR
L
;
A,B
2 'polypeptide(L)'
;MIIIRYLVRETLKSQLAILFILLLIFFCQKLVRILGAAVDGDIPANLVLSLLGLGVPEMAQLILPLSLFLGLLMTLGKLY
TESEITVMHACGLSKAVLVKAAMILAVFTAIVAAVNVMWAGPWSSRHQDEVLEEAKANPGMAALAQGQFQQATNGSSVLF
IESVDGSDFKDVFLAQIRPKGNARPSVVVADSGHLTQLRDGSQVVTLNQGTRFEGTALLRDFRITDFQDYQAIIGHQAVA
LDPNDTDQMDMRTLWNTDTDRARAELNWRITLVVTVFMMALMVVPLSVVNPRQGRVLSMLPAMLLYLLFFLIQTSLKSNG
GKGKLDPTLWMWTVNLIYLALAIVLNLWDTVFVRRLRASFSRKGAV
;
F
3 'polypeptide(L)'
;MQPFGVLDRYIGKTIFTTIMMTLFMLVSLSGIIKFVDQLKKAGQGSYDALGAGMYTLLSVPKDVQIFFPMAALLGALLGL
GMLAQRSELVVMQASGFTRMQVALSVMKTAIPLVLLTMAIGEWVAPQGEQMARNYRAQAMYGGSLLSTQQGLWAKDGNNF
VYIERVKGDEVLGGISIYAFNENRRLQSVRYAATAKFDPEHKVWRLSQVDESDLTNPKQITGSQTVSGTWKTDLTPDKLG
VVALDPDALSISGLHNYVKYLKSSGQDAGRYQLNMWSKIFQPLSVAVMMLMALSFIFGPLRSVPMGVRVVTGISFGFVFY
VLDQIFGPLTLVYGIPPIIGALLPSASFFLISLWLLMRKS
;
G
#
# COMPACT_ATOMS: atom_id res chain seq x y z
N ALA A 2 34.88 -6.65 19.57
CA ALA A 2 33.47 -6.35 19.39
C ALA A 2 32.70 -7.61 19.05
N THR A 3 31.93 -8.12 20.01
CA THR A 3 31.18 -9.36 19.85
C THR A 3 29.71 -9.09 20.11
N LEU A 4 28.89 -9.15 19.07
CA LEU A 4 27.45 -9.15 19.24
C LEU A 4 27.04 -10.54 19.72
N THR A 5 26.21 -10.59 20.75
CA THR A 5 25.84 -11.85 21.37
C THR A 5 24.34 -11.86 21.62
N ALA A 6 23.69 -12.97 21.28
CA ALA A 6 22.29 -13.18 21.59
C ALA A 6 22.17 -14.48 22.38
N LYS A 7 21.51 -14.43 23.53
CA LYS A 7 21.47 -15.55 24.44
C LYS A 7 20.02 -15.89 24.78
N ASN A 8 19.63 -17.13 24.48
CA ASN A 8 18.38 -17.75 24.94
C ASN A 8 17.14 -16.99 24.49
N LEU A 9 17.10 -16.66 23.19
CA LEU A 9 15.93 -15.99 22.64
C LEU A 9 14.77 -16.96 22.53
N ALA A 10 13.55 -16.42 22.48
CA ALA A 10 12.34 -17.22 22.34
C ALA A 10 11.22 -16.32 21.84
N LYS A 11 10.29 -16.91 21.10
CA LYS A 11 9.18 -16.16 20.54
C LYS A 11 8.04 -17.11 20.22
N ALA A 12 6.81 -16.73 20.59
CA ALA A 12 5.64 -17.56 20.35
C ALA A 12 4.49 -16.67 19.93
N TYR A 13 3.82 -17.04 18.83
CA TYR A 13 2.79 -16.16 18.27
C TYR A 13 1.39 -16.54 18.73
N LYS A 14 0.96 -17.76 18.43
CA LYS A 14 -0.32 -18.29 18.88
C LYS A 14 -0.12 -19.44 19.85
N GLY A 15 0.89 -19.33 20.70
CA GLY A 15 1.27 -20.47 21.52
C GLY A 15 1.96 -21.55 20.71
N ARG A 16 2.62 -21.17 19.62
CA ARG A 16 3.28 -22.12 18.74
C ARG A 16 4.76 -22.30 19.02
N ARG A 17 5.42 -21.26 19.54
CA ARG A 17 6.86 -21.24 19.85
C ARG A 17 7.69 -21.51 18.60
N VAL A 18 7.62 -20.53 17.69
CA VAL A 18 8.33 -20.62 16.42
C VAL A 18 9.84 -20.52 16.60
N VAL A 19 10.31 -19.96 17.71
CA VAL A 19 11.73 -19.93 18.04
C VAL A 19 11.86 -20.54 19.43
N GLU A 20 12.91 -21.33 19.63
CA GLU A 20 13.20 -21.98 20.90
C GLU A 20 14.58 -21.51 21.31
N ASP A 21 15.26 -22.21 22.22
CA ASP A 21 16.48 -21.69 22.85
C ASP A 21 17.58 -21.58 21.80
N VAL A 22 17.55 -20.45 21.09
CA VAL A 22 18.57 -20.06 20.14
C VAL A 22 19.61 -19.26 20.91
N SER A 23 20.87 -19.41 20.51
CA SER A 23 21.97 -18.67 21.14
C SER A 23 23.10 -18.56 20.13
N LEU A 24 23.23 -17.41 19.49
CA LEU A 24 24.27 -17.23 18.48
C LEU A 24 25.12 -16.02 18.84
N THR A 25 26.43 -16.19 18.68
CA THR A 25 27.39 -15.14 18.94
C THR A 25 28.27 -14.96 17.71
N VAL A 26 28.60 -13.71 17.42
CA VAL A 26 29.38 -13.39 16.23
C VAL A 26 30.42 -12.34 16.60
N ASN A 27 31.68 -12.57 16.22
CA ASN A 27 32.75 -11.64 16.51
C ASN A 27 32.77 -10.57 15.43
N SER A 28 33.77 -9.70 15.48
CA SER A 28 33.97 -8.69 14.45
C SER A 28 35.17 -9.08 13.60
N GLY A 29 34.94 -9.28 12.32
CA GLY A 29 35.97 -9.73 11.43
C GLY A 29 35.79 -11.12 10.87
N GLU A 30 34.70 -11.80 11.22
CA GLU A 30 34.38 -13.11 10.66
C GLU A 30 32.90 -13.12 10.31
N ILE A 31 32.55 -13.85 9.26
CA ILE A 31 31.17 -13.91 8.79
C ILE A 31 30.63 -15.30 9.10
N VAL A 32 29.37 -15.34 9.53
CA VAL A 32 28.75 -16.52 10.14
C VAL A 32 27.45 -16.80 9.42
N GLY A 33 27.20 -18.07 9.10
CA GLY A 33 25.96 -18.49 8.48
C GLY A 33 24.92 -18.86 9.52
N LEU A 34 23.66 -18.72 9.15
CA LEU A 34 22.52 -19.17 9.95
C LEU A 34 21.55 -19.81 8.98
N LEU A 35 21.59 -21.13 8.84
CA LEU A 35 20.86 -21.80 7.78
C LEU A 35 19.82 -22.74 8.35
N GLY A 36 18.91 -23.17 7.48
CA GLY A 36 17.86 -24.09 7.86
C GLY A 36 16.71 -24.03 6.89
N PRO A 37 15.73 -24.91 7.05
CA PRO A 37 14.61 -24.94 6.11
C PRO A 37 13.63 -23.80 6.32
N ASN A 38 12.48 -23.80 5.64
CA ASN A 38 11.47 -22.76 5.86
C ASN A 38 10.60 -23.03 7.08
N GLY A 39 11.25 -23.38 8.17
CA GLY A 39 10.70 -23.75 9.46
C GLY A 39 11.20 -22.73 10.45
N ALA A 40 12.41 -23.01 10.93
CA ALA A 40 13.11 -22.51 12.10
C ALA A 40 12.84 -21.08 12.50
N GLY A 41 12.83 -20.17 11.56
CA GLY A 41 12.71 -18.80 11.97
C GLY A 41 14.07 -18.16 12.07
N LYS A 42 14.83 -18.22 10.99
CA LYS A 42 16.05 -17.45 10.86
C LYS A 42 15.78 -16.00 10.48
N THR A 43 14.51 -15.61 10.31
CA THR A 43 14.11 -14.22 10.24
C THR A 43 13.53 -13.71 11.55
N THR A 44 12.79 -14.55 12.27
CA THR A 44 12.30 -14.15 13.58
C THR A 44 13.45 -14.00 14.57
N THR A 45 14.51 -14.78 14.41
CA THR A 45 15.73 -14.52 15.16
C THR A 45 16.38 -13.21 14.73
N PHE A 46 16.30 -12.90 13.43
CA PHE A 46 16.83 -11.63 12.96
C PHE A 46 15.95 -10.47 13.37
N TYR A 47 14.66 -10.73 13.60
CA TYR A 47 13.79 -9.71 14.13
C TYR A 47 14.09 -9.40 15.58
N MET A 48 14.40 -10.41 16.39
CA MET A 48 14.59 -10.19 17.80
C MET A 48 15.96 -9.60 18.11
N VAL A 49 16.94 -9.77 17.23
CA VAL A 49 18.24 -9.15 17.45
C VAL A 49 18.18 -7.68 17.12
N VAL A 50 17.61 -7.33 15.97
CA VAL A 50 17.59 -5.93 15.56
C VAL A 50 16.48 -5.19 16.30
N GLY A 51 15.36 -5.85 16.55
CA GLY A 51 14.41 -5.32 17.49
C GLY A 51 13.06 -4.92 16.93
N ILE A 52 12.62 -5.56 15.86
CA ILE A 52 11.32 -5.20 15.29
C ILE A 52 10.20 -5.79 16.14
N VAL A 53 10.27 -7.08 16.45
CA VAL A 53 9.30 -7.71 17.35
C VAL A 53 9.89 -7.80 18.74
N PRO A 54 9.12 -7.59 19.80
CA PRO A 54 9.66 -7.72 21.16
C PRO A 54 9.88 -9.19 21.53
N ARG A 55 11.05 -9.48 22.06
CA ARG A 55 11.40 -10.85 22.41
C ARG A 55 10.66 -11.27 23.68
N ASP A 56 10.74 -12.56 23.99
CA ASP A 56 10.04 -13.09 25.14
C ASP A 56 10.95 -13.56 26.25
N ALA A 57 12.14 -14.08 25.94
CA ALA A 57 13.02 -14.55 27.00
C ALA A 57 14.49 -14.27 26.71
N GLY A 58 14.79 -13.36 25.78
CA GLY A 58 16.12 -13.23 25.23
C GLY A 58 17.01 -12.24 25.97
N ASN A 59 18.22 -12.10 25.46
CA ASN A 59 19.22 -11.22 26.06
C ASN A 59 20.26 -10.90 25.00
N ILE A 60 20.30 -9.65 24.54
CA ILE A 60 21.18 -9.23 23.45
C ILE A 60 22.23 -8.29 24.00
N ILE A 61 23.50 -8.57 23.70
CA ILE A 61 24.63 -7.88 24.29
C ILE A 61 25.60 -7.46 23.20
N ILE A 62 25.86 -6.15 23.08
CA ILE A 62 26.98 -5.73 22.27
C ILE A 62 28.20 -5.65 23.17
N ASP A 63 28.79 -6.81 23.42
CA ASP A 63 30.11 -7.16 23.98
C ASP A 63 30.31 -6.80 25.45
N ASP A 64 29.57 -5.84 25.97
CA ASP A 64 29.55 -5.59 27.40
C ASP A 64 28.23 -5.02 27.89
N ASP A 65 27.31 -4.68 26.98
CA ASP A 65 26.16 -3.85 27.30
C ASP A 65 24.91 -4.71 27.44
N ASP A 66 23.74 -4.07 27.46
CA ASP A 66 22.49 -4.83 27.36
C ASP A 66 21.50 -3.97 26.58
N ILE A 67 21.40 -4.25 25.28
CA ILE A 67 20.58 -3.44 24.39
C ILE A 67 19.24 -4.12 24.17
N SER A 68 18.86 -5.02 25.08
CA SER A 68 17.67 -5.83 24.87
C SER A 68 16.36 -5.05 25.02
N LEU A 69 16.41 -3.80 25.48
CA LEU A 69 15.19 -3.02 25.59
C LEU A 69 15.34 -1.68 24.89
N LEU A 70 16.31 -1.58 23.99
CA LEU A 70 16.43 -0.41 23.16
C LEU A 70 15.53 -0.55 21.94
N PRO A 71 15.01 0.55 21.38
CA PRO A 71 14.17 0.43 20.20
C PRO A 71 14.95 0.13 18.93
N LEU A 72 14.27 0.16 17.79
CA LEU A 72 14.89 -0.21 16.52
C LEU A 72 15.95 0.78 16.09
N HIS A 73 15.68 2.08 16.23
CA HIS A 73 16.60 3.08 15.70
C HIS A 73 17.81 3.27 16.60
N ALA A 74 17.68 2.96 17.89
CA ALA A 74 18.79 3.12 18.82
C ALA A 74 19.87 2.06 18.60
N ARG A 75 19.50 0.87 18.16
CA ARG A 75 20.49 -0.14 17.87
C ARG A 75 21.18 0.10 16.53
N ALA A 76 20.52 0.80 15.62
CA ALA A 76 21.12 1.06 14.31
C ALA A 76 22.25 2.07 14.40
N ARG A 77 22.29 2.88 15.44
CA ARG A 77 23.38 3.81 15.64
C ARG A 77 24.50 3.24 16.48
N ARG A 78 24.25 2.15 17.21
CA ARG A 78 25.32 1.45 17.91
C ARG A 78 26.10 0.53 17.00
N GLY A 79 25.56 0.20 15.83
CA GLY A 79 26.32 -0.58 14.87
C GLY A 79 25.56 -1.66 14.13
N ILE A 80 24.34 -1.98 14.54
CA ILE A 80 23.60 -3.07 13.94
C ILE A 80 22.99 -2.59 12.62
N GLY A 81 23.35 -3.23 11.52
CA GLY A 81 22.74 -2.98 10.24
C GLY A 81 21.77 -4.09 9.88
N TYR A 82 20.90 -3.82 8.91
CA TYR A 82 19.83 -4.76 8.63
C TYR A 82 19.42 -4.67 7.17
N LEU A 83 19.35 -5.82 6.50
CA LEU A 83 18.83 -5.93 5.16
C LEU A 83 17.60 -6.82 5.19
N PRO A 84 16.40 -6.30 4.91
CA PRO A 84 15.20 -7.11 5.07
C PRO A 84 15.04 -8.09 3.92
N GLN A 85 14.11 -9.01 4.09
CA GLN A 85 13.79 -9.97 3.04
C GLN A 85 12.71 -9.48 2.10
N GLU A 86 11.80 -8.64 2.57
CA GLU A 86 10.56 -8.39 1.86
C GLU A 86 10.62 -7.19 0.90
N ALA A 87 11.70 -7.08 0.13
CA ALA A 87 11.80 -6.23 -1.07
C ALA A 87 11.52 -4.75 -0.76
N SER A 88 12.45 -4.15 -0.01
CA SER A 88 12.24 -2.82 0.54
C SER A 88 13.16 -1.76 -0.08
N ILE A 89 12.74 -1.19 -1.20
CA ILE A 89 13.38 0.00 -1.74
C ILE A 89 12.41 1.15 -1.58
N PHE A 90 12.86 2.37 -1.86
CA PHE A 90 12.01 3.53 -1.63
C PHE A 90 11.03 3.79 -2.75
N ARG A 91 11.22 3.17 -3.91
CA ARG A 91 10.24 2.97 -4.97
C ARG A 91 9.83 4.22 -5.75
N ARG A 92 10.21 5.41 -5.30
CA ARG A 92 10.02 6.59 -6.13
C ARG A 92 11.21 7.53 -6.11
N LEU A 93 12.19 7.31 -5.24
CA LEU A 93 13.47 7.92 -5.47
C LEU A 93 14.22 7.15 -6.54
N SER A 94 15.30 7.71 -7.03
CA SER A 94 16.09 7.06 -8.06
C SER A 94 16.95 5.97 -7.43
N VAL A 95 17.87 5.41 -8.21
CA VAL A 95 18.86 4.53 -7.60
C VAL A 95 19.99 5.36 -7.01
N TYR A 96 20.29 6.50 -7.62
CA TYR A 96 21.29 7.39 -7.04
C TYR A 96 20.78 8.04 -5.77
N ASP A 97 19.47 8.28 -5.68
CA ASP A 97 18.92 8.82 -4.47
C ASP A 97 18.61 7.76 -3.43
N ASN A 98 18.53 6.49 -3.84
CA ASN A 98 18.40 5.42 -2.86
C ASN A 98 19.69 5.26 -2.07
N LEU A 99 20.83 5.46 -2.72
CA LEU A 99 22.10 5.37 -2.04
C LEU A 99 22.42 6.64 -1.28
N MET A 100 21.98 7.78 -1.79
CA MET A 100 22.29 9.06 -1.16
C MET A 100 21.43 9.32 0.06
N ALA A 101 20.25 8.71 0.15
CA ALA A 101 19.37 9.00 1.27
C ALA A 101 19.85 8.38 2.57
N VAL A 102 20.70 7.37 2.51
CA VAL A 102 21.32 6.84 3.72
C VAL A 102 22.74 7.36 3.89
N LEU A 103 23.21 8.20 2.99
CA LEU A 103 24.48 8.88 3.17
C LEU A 103 24.31 10.30 3.70
N GLN A 104 23.08 10.76 3.89
CA GLN A 104 22.80 11.98 4.65
C GLN A 104 22.86 11.76 6.16
N ILE A 105 23.29 10.59 6.57
CA ILE A 105 23.57 10.21 7.95
C ILE A 105 25.07 9.99 7.88
N ARG A 106 25.68 9.44 8.93
CA ARG A 106 27.13 9.27 9.05
C ARG A 106 27.83 10.63 9.03
N ASP A 107 27.67 11.37 10.13
CA ASP A 107 28.21 12.72 10.22
C ASP A 107 29.73 12.74 10.35
N ASP A 108 30.42 12.16 9.37
CA ASP A 108 31.86 12.23 9.22
C ASP A 108 32.26 12.38 7.76
N LEU A 109 31.29 12.39 6.85
CA LEU A 109 31.52 12.59 5.44
C LEU A 109 31.07 14.00 5.08
N SER A 110 31.92 14.75 4.41
CA SER A 110 31.54 16.06 3.93
C SER A 110 30.78 15.91 2.62
N ALA A 111 30.50 17.04 1.95
CA ALA A 111 29.87 16.98 0.64
C ALA A 111 30.77 16.42 -0.44
N GLU A 112 32.07 16.31 -0.20
CA GLU A 112 32.96 15.66 -1.15
C GLU A 112 32.85 14.14 -1.10
N GLN A 113 33.13 13.53 0.05
CA GLN A 113 33.18 12.08 0.13
C GLN A 113 31.81 11.43 0.28
N ARG A 114 30.75 12.23 0.38
CA ARG A 114 29.40 11.70 0.20
C ARG A 114 29.07 11.50 -1.27
N GLU A 115 29.79 12.19 -2.15
CA GLU A 115 29.47 12.15 -3.57
C GLU A 115 30.29 11.09 -4.30
N ASP A 116 31.52 10.86 -3.85
CA ASP A 116 32.37 9.82 -4.44
C ASP A 116 32.29 8.50 -3.70
N ARG A 117 31.37 8.37 -2.75
CA ARG A 117 31.01 7.07 -2.20
C ARG A 117 29.82 6.47 -2.92
N ALA A 118 28.82 7.30 -3.23
CA ALA A 118 27.70 6.84 -4.03
C ALA A 118 28.12 6.55 -5.47
N ASN A 119 29.10 7.29 -5.98
CA ASN A 119 29.59 7.03 -7.32
C ASN A 119 30.60 5.88 -7.36
N GLU A 120 31.05 5.41 -6.19
CA GLU A 120 31.90 4.24 -6.11
C GLU A 120 31.12 2.99 -5.75
N LEU A 121 30.04 3.11 -4.99
CA LEU A 121 29.20 1.96 -4.69
C LEU A 121 28.44 1.49 -5.91
N MET A 122 28.18 2.39 -6.85
CA MET A 122 27.54 2.01 -8.10
C MET A 122 28.54 1.49 -9.12
N GLU A 123 29.81 1.33 -8.75
CA GLU A 123 30.76 0.70 -9.64
C GLU A 123 31.05 -0.75 -9.24
N GLU A 124 31.15 -1.01 -7.94
CA GLU A 124 31.40 -2.35 -7.45
C GLU A 124 30.16 -3.23 -7.47
N PHE A 125 29.00 -2.69 -7.80
CA PHE A 125 27.79 -3.47 -7.95
C PHE A 125 27.29 -3.53 -9.39
N HIS A 126 27.91 -2.76 -10.29
CA HIS A 126 27.56 -2.67 -11.71
C HIS A 126 26.12 -2.23 -11.92
N ILE A 127 25.71 -1.18 -11.22
CA ILE A 127 24.38 -0.61 -11.43
C ILE A 127 24.51 0.83 -11.89
N GLU A 128 25.64 1.18 -12.49
CA GLU A 128 25.87 2.57 -12.87
C GLU A 128 25.06 2.99 -14.08
N HIS A 129 24.57 2.05 -14.90
CA HIS A 129 23.74 2.42 -16.02
C HIS A 129 22.30 2.65 -15.62
N LEU A 130 21.93 2.31 -14.40
CA LEU A 130 20.63 2.61 -13.82
C LEU A 130 20.71 3.78 -12.88
N ARG A 131 21.47 4.82 -13.25
CA ARG A 131 21.83 5.88 -12.31
C ARG A 131 20.61 6.66 -11.85
N ASP A 132 19.72 7.02 -12.76
CA ASP A 132 18.43 7.57 -12.35
C ASP A 132 17.34 6.93 -13.21
N SER A 133 16.88 5.75 -12.81
CA SER A 133 15.74 5.21 -13.52
C SER A 133 14.47 5.51 -12.76
N MET A 134 14.27 4.78 -11.66
CA MET A 134 13.22 4.91 -10.66
C MET A 134 13.42 3.76 -9.69
N GLY A 135 12.65 3.71 -8.62
CA GLY A 135 12.68 2.54 -7.77
C GLY A 135 11.73 1.49 -8.29
N GLN A 136 10.53 1.93 -8.70
CA GLN A 136 9.49 1.02 -9.15
C GLN A 136 9.90 0.26 -10.39
N SER A 137 10.49 0.96 -11.36
CA SER A 137 10.87 0.34 -12.63
C SER A 137 12.25 -0.29 -12.55
N LEU A 138 12.44 -1.17 -11.57
CA LEU A 138 13.62 -1.99 -11.47
C LEU A 138 13.16 -3.44 -11.63
N SER A 139 14.08 -4.38 -11.42
CA SER A 139 13.81 -5.72 -11.94
C SER A 139 14.53 -6.75 -11.07
N GLY A 140 13.80 -7.31 -10.11
CA GLY A 140 14.22 -8.54 -9.45
C GLY A 140 15.55 -8.49 -8.75
N GLY A 141 16.56 -9.09 -9.38
CA GLY A 141 17.91 -9.00 -8.85
C GLY A 141 18.51 -7.62 -8.92
N GLU A 142 18.05 -6.79 -9.87
CA GLU A 142 18.51 -5.41 -9.90
C GLU A 142 17.96 -4.63 -8.71
N ARG A 143 16.74 -4.96 -8.29
CA ARG A 143 16.21 -4.40 -7.06
C ARG A 143 16.97 -4.92 -5.85
N ARG A 144 17.47 -6.15 -5.93
CA ARG A 144 18.20 -6.71 -4.80
C ARG A 144 19.60 -6.14 -4.70
N ARG A 145 20.19 -5.74 -5.82
CA ARG A 145 21.54 -5.19 -5.78
C ARG A 145 21.57 -3.76 -5.29
N VAL A 146 20.42 -3.07 -5.26
CA VAL A 146 20.38 -1.75 -4.66
C VAL A 146 20.18 -1.85 -3.16
N GLU A 147 19.36 -2.81 -2.72
CA GLU A 147 19.12 -2.98 -1.29
C GLU A 147 20.37 -3.46 -0.55
N ILE A 148 21.24 -4.21 -1.21
CA ILE A 148 22.50 -4.56 -0.57
C ILE A 148 23.44 -3.37 -0.56
N ALA A 149 23.49 -2.63 -1.67
CA ALA A 149 24.35 -1.46 -1.75
C ALA A 149 23.90 -0.35 -0.83
N ARG A 150 22.60 -0.27 -0.56
CA ARG A 150 22.12 0.71 0.40
C ARG A 150 22.44 0.31 1.83
N ALA A 151 22.47 -0.99 2.11
CA ALA A 151 22.76 -1.45 3.46
C ALA A 151 24.23 -1.37 3.80
N LEU A 152 25.12 -1.51 2.83
CA LEU A 152 26.54 -1.31 3.06
C LEU A 152 26.93 0.16 3.07
N ALA A 153 26.01 1.05 2.69
CA ALA A 153 26.33 2.47 2.66
C ALA A 153 26.20 3.13 4.02
N ALA A 154 25.58 2.46 4.98
CA ALA A 154 25.43 3.04 6.31
C ALA A 154 26.71 2.99 7.12
N ASN A 155 27.72 2.25 6.65
CA ASN A 155 28.92 1.88 7.41
C ASN A 155 28.62 1.38 8.82
N PRO A 156 27.98 0.23 8.95
CA PRO A 156 27.72 -0.30 10.29
C PRO A 156 28.81 -1.24 10.74
N LYS A 157 28.64 -1.85 11.90
CA LYS A 157 29.25 -3.15 12.15
C LYS A 157 28.17 -4.20 11.85
N PHE A 158 28.43 -5.45 12.24
CA PHE A 158 27.43 -6.48 12.58
C PHE A 158 26.20 -6.53 11.68
N ILE A 159 26.42 -6.57 10.37
CA ILE A 159 25.32 -6.56 9.42
C ILE A 159 24.57 -7.87 9.50
N LEU A 160 23.26 -7.82 9.40
CA LEU A 160 22.44 -9.03 9.40
C LEU A 160 21.81 -9.15 8.02
N LEU A 161 22.56 -9.72 7.08
CA LEU A 161 22.09 -9.83 5.71
C LEU A 161 21.10 -10.97 5.61
N ASP A 162 19.84 -10.66 5.40
CA ASP A 162 18.79 -11.66 5.28
C ASP A 162 18.47 -11.86 3.80
N GLU A 163 18.82 -13.03 3.28
CA GLU A 163 18.72 -13.45 1.88
C GLU A 163 19.37 -12.45 0.94
N PRO A 164 20.70 -12.35 0.91
CA PRO A 164 21.31 -11.41 -0.05
C PRO A 164 21.21 -11.88 -1.47
N PHE A 165 21.37 -13.18 -1.71
CA PHE A 165 21.43 -13.74 -3.05
C PHE A 165 20.10 -14.33 -3.48
N ALA A 166 18.98 -13.73 -3.07
CA ALA A 166 17.67 -14.27 -3.44
C ALA A 166 17.33 -13.91 -4.87
N GLY A 167 17.80 -14.73 -5.81
CA GLY A 167 17.52 -14.52 -7.21
C GLY A 167 18.26 -13.34 -7.78
N VAL A 168 19.60 -13.38 -7.73
CA VAL A 168 20.36 -12.28 -8.30
C VAL A 168 20.91 -12.65 -9.66
N ASP A 169 21.87 -13.57 -9.70
CA ASP A 169 22.64 -13.82 -10.91
C ASP A 169 23.48 -15.06 -10.61
N PRO A 170 24.21 -15.65 -11.57
CA PRO A 170 25.40 -16.41 -11.17
C PRO A 170 26.66 -15.58 -11.15
N ILE A 171 26.65 -14.43 -11.84
CA ILE A 171 27.84 -13.57 -11.88
C ILE A 171 27.86 -12.56 -10.74
N SER A 172 26.78 -11.83 -10.52
CA SER A 172 26.76 -10.81 -9.47
C SER A 172 26.79 -11.39 -8.06
N VAL A 173 26.73 -12.70 -7.87
CA VAL A 173 26.93 -13.20 -6.53
C VAL A 173 28.43 -13.31 -6.24
N ILE A 174 29.24 -13.78 -7.20
CA ILE A 174 30.68 -13.84 -7.00
C ILE A 174 31.32 -12.47 -7.09
N ASP A 175 30.56 -11.44 -7.45
CA ASP A 175 30.98 -10.06 -7.36
C ASP A 175 30.54 -9.42 -6.05
N ILE A 176 29.45 -9.89 -5.47
CA ILE A 176 29.06 -9.44 -4.13
C ILE A 176 29.93 -10.13 -3.08
N LYS A 177 30.22 -11.41 -3.29
CA LYS A 177 31.04 -12.17 -2.35
C LYS A 177 32.47 -11.62 -2.26
N ARG A 178 32.96 -10.99 -3.32
CA ARG A 178 34.28 -10.38 -3.25
C ARG A 178 34.26 -9.11 -2.40
N ILE A 179 33.20 -8.31 -2.49
CA ILE A 179 33.12 -7.08 -1.70
C ILE A 179 32.40 -7.26 -0.39
N ILE A 180 32.05 -8.50 -0.02
CA ILE A 180 31.66 -8.76 1.36
C ILE A 180 32.83 -9.36 2.11
N GLU A 181 33.90 -9.74 1.42
CA GLU A 181 35.14 -10.14 2.06
C GLU A 181 36.13 -9.00 2.16
N HIS A 182 36.05 -8.01 1.27
CA HIS A 182 36.89 -6.84 1.41
C HIS A 182 36.41 -5.93 2.54
N LEU A 183 35.16 -6.08 2.96
CA LEU A 183 34.70 -5.42 4.17
C LEU A 183 34.89 -6.29 5.40
N ARG A 184 35.08 -7.60 5.22
CA ARG A 184 35.40 -8.46 6.34
C ARG A 184 36.81 -8.18 6.86
N ASP A 185 37.75 -7.87 5.97
CA ASP A 185 39.11 -7.56 6.36
C ASP A 185 39.23 -6.21 7.06
N SER A 186 38.25 -5.32 6.90
CA SER A 186 38.24 -4.03 7.55
C SER A 186 37.43 -4.04 8.85
N GLY A 187 37.32 -5.21 9.48
CA GLY A 187 36.66 -5.31 10.76
C GLY A 187 35.15 -5.12 10.72
N LEU A 188 34.45 -6.07 10.12
CA LEU A 188 33.00 -6.02 9.99
C LEU A 188 32.50 -7.44 9.78
N GLY A 189 31.70 -7.94 10.71
CA GLY A 189 31.28 -9.33 10.69
C GLY A 189 29.79 -9.48 10.43
N VAL A 190 29.46 -10.12 9.32
CA VAL A 190 28.08 -10.19 8.87
C VAL A 190 27.49 -11.56 9.17
N LEU A 191 26.18 -11.67 8.99
CA LEU A 191 25.42 -12.87 9.31
C LEU A 191 24.59 -13.25 8.09
N ILE A 192 25.18 -13.98 7.14
CA ILE A 192 24.49 -14.35 5.91
C ILE A 192 23.57 -15.52 6.20
N THR A 193 22.40 -15.51 5.59
CA THR A 193 21.43 -16.59 5.78
C THR A 193 20.71 -16.96 4.49
N ASP A 194 21.46 -17.16 3.41
CA ASP A 194 20.81 -17.50 2.15
C ASP A 194 20.50 -18.99 2.08
N HIS A 195 19.96 -19.42 0.94
CA HIS A 195 19.49 -20.78 0.76
C HIS A 195 20.28 -21.60 -0.25
N ASN A 196 20.94 -20.98 -1.23
CA ASN A 196 21.81 -21.80 -2.07
C ASN A 196 23.08 -22.12 -1.30
N VAL A 197 23.16 -23.31 -0.72
CA VAL A 197 24.30 -23.56 0.15
C VAL A 197 25.45 -24.11 -0.68
N ARG A 198 25.99 -23.23 -1.49
CA ARG A 198 27.23 -23.41 -2.20
C ARG A 198 28.01 -22.11 -2.32
N GLU A 199 27.31 -20.98 -2.34
CA GLU A 199 27.83 -19.62 -2.26
C GLU A 199 27.90 -19.10 -0.85
N THR A 200 27.03 -19.58 0.04
CA THR A 200 27.02 -19.08 1.40
C THR A 200 27.95 -19.90 2.30
N LEU A 201 28.14 -21.18 1.98
CA LEU A 201 29.01 -22.00 2.79
C LEU A 201 30.45 -21.92 2.34
N ALA A 202 30.70 -21.46 1.11
CA ALA A 202 32.07 -21.26 0.65
C ALA A 202 32.59 -19.87 0.98
N VAL A 203 31.81 -19.05 1.67
CA VAL A 203 32.30 -17.77 2.14
C VAL A 203 32.27 -17.65 3.67
N CYS A 204 31.42 -18.41 4.36
CA CYS A 204 31.34 -18.31 5.81
C CYS A 204 32.50 -19.04 6.47
N GLU A 205 32.74 -18.69 7.73
CA GLU A 205 33.74 -19.35 8.57
C GLU A 205 33.11 -20.31 9.56
N ARG A 206 31.90 -20.03 10.01
CA ARG A 206 31.13 -20.93 10.86
C ARG A 206 29.72 -21.04 10.30
N ALA A 207 28.87 -21.77 11.00
CA ALA A 207 27.48 -21.91 10.61
C ALA A 207 26.67 -22.32 11.81
N TYR A 208 25.38 -21.99 11.77
CA TYR A 208 24.43 -22.44 12.78
C TYR A 208 23.23 -23.00 12.04
N ILE A 209 23.22 -24.30 11.81
CA ILE A 209 22.08 -24.96 11.18
C ILE A 209 20.97 -25.02 12.20
N VAL A 210 19.87 -24.33 11.93
CA VAL A 210 18.75 -24.25 12.87
C VAL A 210 17.53 -24.90 12.23
N SER A 211 16.99 -25.90 12.91
CA SER A 211 15.72 -26.50 12.55
C SER A 211 14.63 -25.86 13.41
N GLN A 212 13.44 -26.48 13.41
CA GLN A 212 12.13 -25.90 13.72
C GLN A 212 12.08 -24.85 14.84
N GLY A 213 12.84 -25.05 15.90
CA GLY A 213 13.16 -23.94 16.77
C GLY A 213 14.55 -24.02 17.37
N HIS A 214 15.30 -25.07 17.06
CA HIS A 214 16.48 -25.43 17.82
C HIS A 214 17.72 -25.41 16.95
N LEU A 215 18.86 -25.12 17.56
CA LEU A 215 20.14 -25.44 16.95
C LEU A 215 20.30 -26.95 16.86
N ILE A 216 20.72 -27.44 15.71
CA ILE A 216 21.03 -28.85 15.56
C ILE A 216 22.48 -29.10 15.17
N ALA A 217 23.20 -28.08 14.71
CA ALA A 217 24.61 -28.23 14.36
C ALA A 217 25.28 -26.87 14.42
N HIS A 218 26.61 -26.91 14.55
CA HIS A 218 27.43 -25.71 14.61
C HIS A 218 28.87 -26.13 14.40
N GLY A 219 29.58 -25.45 13.51
CA GLY A 219 30.99 -25.76 13.32
C GLY A 219 31.49 -25.24 11.98
N THR A 220 32.55 -25.90 11.52
CA THR A 220 33.23 -25.50 10.30
C THR A 220 32.36 -25.82 9.08
N PRO A 221 32.51 -25.07 7.97
CA PRO A 221 31.76 -25.43 6.76
C PRO A 221 32.15 -26.76 6.16
N THR A 222 33.32 -27.30 6.47
CA THR A 222 33.69 -28.63 5.98
C THR A 222 33.16 -29.73 6.89
N GLU A 223 32.55 -29.36 8.00
CA GLU A 223 31.89 -30.21 8.97
C GLU A 223 30.39 -30.33 8.74
N ILE A 224 29.75 -29.22 8.36
CA ILE A 224 28.28 -29.13 8.24
C ILE A 224 27.75 -30.08 7.17
N LEU A 225 28.54 -30.30 6.13
CA LEU A 225 28.09 -31.20 5.08
C LEU A 225 28.15 -32.66 5.52
N GLN A 226 29.19 -33.05 6.26
CA GLN A 226 29.31 -34.43 6.72
C GLN A 226 28.74 -34.62 8.12
N ASP A 227 27.58 -34.02 8.39
CA ASP A 227 26.72 -34.39 9.50
C ASP A 227 25.45 -34.94 8.91
N GLU A 228 25.01 -36.08 9.43
CA GLU A 228 23.95 -36.79 8.74
C GLU A 228 22.57 -36.29 9.16
N HIS A 229 22.42 -35.80 10.39
CA HIS A 229 21.18 -35.15 10.83
C HIS A 229 20.97 -33.82 10.12
N VAL A 230 22.03 -33.19 9.63
CA VAL A 230 21.87 -32.01 8.80
C VAL A 230 21.33 -32.38 7.43
N LYS A 231 21.85 -33.46 6.84
CA LYS A 231 21.39 -33.90 5.53
C LYS A 231 19.99 -34.50 5.55
N ARG A 232 19.42 -34.75 6.72
CA ARG A 232 18.04 -35.25 6.77
C ARG A 232 17.04 -34.11 6.66
N VAL A 233 17.23 -33.03 7.41
CA VAL A 233 16.27 -31.93 7.42
C VAL A 233 16.74 -30.72 6.63
N TYR A 234 17.96 -30.73 6.13
CA TYR A 234 18.49 -29.69 5.27
C TYR A 234 19.34 -30.36 4.20
N LEU A 235 19.99 -29.55 3.36
CA LEU A 235 21.04 -29.93 2.43
C LEU A 235 20.59 -30.85 1.30
N GLY A 236 19.31 -31.21 1.24
CA GLY A 236 18.86 -32.18 0.27
C GLY A 236 19.38 -33.57 0.59
N GLU A 237 20.14 -34.13 -0.34
CA GLU A 237 20.74 -35.44 -0.19
C GLU A 237 21.89 -35.58 -1.17
N ASP A 238 22.92 -36.30 -0.74
CA ASP A 238 24.14 -36.61 -1.50
C ASP A 238 24.83 -35.34 -2.00
N PHE A 239 24.90 -34.32 -1.14
CA PHE A 239 25.40 -33.02 -1.56
C PHE A 239 26.92 -32.93 -1.39
CA ALA B 2 -0.25 -27.85 -29.00
C ALA B 2 1.07 -27.12 -28.80
N THR B 3 1.33 -26.11 -29.62
CA THR B 3 2.58 -25.36 -29.58
C THR B 3 2.27 -23.89 -29.39
N LEU B 4 2.61 -23.36 -28.22
CA LEU B 4 2.59 -21.92 -28.01
C LEU B 4 3.82 -21.34 -28.70
N THR B 5 3.62 -20.27 -29.46
CA THR B 5 4.68 -19.68 -30.27
C THR B 5 4.65 -18.18 -30.11
N ALA B 6 5.82 -17.59 -29.91
CA ALA B 6 5.97 -16.14 -29.89
C ALA B 6 7.02 -15.77 -30.92
N LYS B 7 6.68 -14.84 -31.82
CA LYS B 7 7.55 -14.51 -32.94
C LYS B 7 7.81 -13.01 -32.97
N ASN B 8 9.09 -12.64 -32.90
CA ASN B 8 9.60 -11.29 -33.17
C ASN B 8 8.99 -10.25 -32.23
N LEU B 9 9.00 -10.55 -30.94
CA LEU B 9 8.51 -9.59 -29.95
C LEU B 9 9.50 -8.44 -29.79
N ALA B 10 9.00 -7.31 -29.29
CA ALA B 10 9.83 -6.13 -29.05
C ALA B 10 9.12 -5.22 -28.08
N LYS B 11 9.89 -4.49 -27.29
CA LYS B 11 9.32 -3.58 -26.29
C LYS B 11 10.34 -2.52 -25.95
N ALA B 12 9.91 -1.26 -25.88
CA ALA B 12 10.79 -0.15 -25.57
C ALA B 12 10.06 0.82 -24.66
N TYR B 13 10.69 1.21 -23.55
CA TYR B 13 10.01 2.02 -22.55
C TYR B 13 10.28 3.51 -22.70
N LYS B 14 11.54 3.91 -22.62
CA LYS B 14 11.96 5.28 -22.85
C LYS B 14 12.82 5.40 -24.09
N GLY B 15 12.47 4.64 -25.13
CA GLY B 15 13.36 4.52 -26.26
C GLY B 15 14.60 3.71 -25.96
N ARG B 16 14.51 2.77 -25.03
CA ARG B 16 15.65 1.97 -24.60
C ARG B 16 15.72 0.62 -25.28
N ARG B 17 14.58 0.06 -25.68
CA ARG B 17 14.44 -1.26 -26.34
C ARG B 17 15.01 -2.37 -25.44
N VAL B 18 14.31 -2.57 -24.33
CA VAL B 18 14.70 -3.58 -23.36
C VAL B 18 14.54 -5.00 -23.88
N VAL B 19 13.70 -5.21 -24.89
CA VAL B 19 13.56 -6.49 -25.57
C VAL B 19 13.79 -6.23 -27.06
N GLU B 20 14.49 -7.16 -27.71
CA GLU B 20 14.79 -7.08 -29.13
C GLU B 20 14.21 -8.33 -29.75
N ASP B 21 14.65 -8.74 -30.94
CA ASP B 21 13.97 -9.78 -31.72
C ASP B 21 14.11 -11.11 -30.99
N VAL B 22 13.21 -11.31 -30.04
CA VAL B 22 13.05 -12.56 -29.32
C VAL B 22 12.06 -13.42 -30.10
N SER B 23 12.29 -14.73 -30.10
CA SER B 23 11.40 -15.67 -30.76
C SER B 23 11.54 -17.01 -30.09
N LEU B 24 10.58 -17.37 -29.24
CA LEU B 24 10.65 -18.62 -28.51
C LEU B 24 9.38 -19.43 -28.77
N THR B 25 9.56 -20.73 -28.99
CA THR B 25 8.45 -21.64 -29.23
C THR B 25 8.59 -22.81 -28.26
N VAL B 26 7.46 -23.27 -27.76
CA VAL B 26 7.44 -24.34 -26.77
C VAL B 26 6.30 -25.30 -27.11
N ASN B 27 6.61 -26.59 -27.15
CA ASN B 27 5.61 -27.61 -27.46
C ASN B 27 4.86 -27.96 -26.18
N SER B 28 3.99 -28.95 -26.26
CA SER B 28 3.27 -29.46 -25.10
C SER B 28 3.85 -30.81 -24.72
N GLY B 29 4.38 -30.89 -23.51
CA GLY B 29 5.02 -32.11 -23.06
C GLY B 29 6.51 -32.00 -22.83
N GLU B 30 7.10 -30.83 -23.05
CA GLU B 30 8.50 -30.58 -22.78
C GLU B 30 8.64 -29.24 -22.08
N ILE B 31 9.62 -29.13 -21.19
CA ILE B 31 9.82 -27.92 -20.41
C ILE B 31 11.09 -27.24 -20.90
N VAL B 32 11.04 -25.91 -21.00
CA VAL B 32 12.03 -25.10 -21.71
C VAL B 32 12.51 -24.00 -20.78
N GLY B 33 13.82 -23.79 -20.73
CA GLY B 33 14.40 -22.72 -19.94
C GLY B 33 14.50 -21.44 -20.74
N LEU B 34 14.49 -20.32 -20.03
CA LEU B 34 14.75 -19.00 -20.61
C LEU B 34 15.62 -18.27 -19.60
N LEU B 35 16.92 -18.28 -19.81
CA LEU B 35 17.86 -17.81 -18.81
C LEU B 35 18.65 -16.60 -19.31
N GLY B 36 19.30 -15.93 -18.38
CA GLY B 36 20.10 -14.76 -18.69
C GLY B 36 20.32 -13.90 -17.47
N PRO B 37 21.13 -12.87 -17.60
CA PRO B 37 21.43 -12.02 -16.43
C PRO B 37 20.28 -11.08 -16.09
N ASN B 38 20.47 -10.14 -15.16
CA ASN B 38 19.43 -9.16 -14.85
C ASN B 38 19.39 -8.00 -15.83
N GLY B 39 19.44 -8.34 -17.10
CA GLY B 39 19.47 -7.47 -18.25
C GLY B 39 18.23 -7.74 -19.05
N ALA B 40 18.36 -8.78 -19.88
CA ALA B 40 17.57 -9.20 -21.02
C ALA B 40 16.08 -8.90 -20.98
N GLY B 41 15.45 -9.18 -19.86
CA GLY B 41 14.01 -9.03 -19.87
C GLY B 41 13.34 -10.35 -20.16
N LYS B 42 13.67 -11.35 -19.35
CA LYS B 42 12.94 -12.60 -19.36
C LYS B 42 11.64 -12.51 -18.56
N THR B 43 11.33 -11.34 -17.98
CA THR B 43 10.00 -11.05 -17.47
C THR B 43 9.19 -10.19 -18.41
N THR B 44 9.82 -9.24 -19.10
CA THR B 44 9.11 -8.46 -20.10
C THR B 44 8.69 -9.32 -21.28
N THR B 45 9.47 -10.35 -21.60
CA THR B 45 9.02 -11.36 -22.55
C THR B 45 7.85 -12.16 -21.98
N PHE B 46 7.88 -12.42 -20.67
CA PHE B 46 6.77 -13.13 -20.04
C PHE B 46 5.56 -12.22 -19.91
N TYR B 47 5.77 -10.91 -19.86
CA TYR B 47 4.65 -9.98 -19.87
C TYR B 47 3.98 -9.93 -21.23
N MET B 48 4.75 -9.97 -22.31
CA MET B 48 4.17 -9.81 -23.63
C MET B 48 3.49 -11.08 -24.11
N VAL B 49 3.87 -12.23 -23.59
CA VAL B 49 3.20 -13.48 -23.98
C VAL B 49 1.85 -13.58 -23.29
N VAL B 50 1.82 -13.34 -21.98
CA VAL B 50 0.58 -13.48 -21.23
C VAL B 50 -0.31 -12.27 -21.45
N GLY B 51 0.29 -11.09 -21.57
CA GLY B 51 -0.45 -9.95 -22.08
C GLY B 51 -0.68 -8.82 -21.11
N ILE B 52 0.22 -8.64 -20.14
CA ILE B 52 0.05 -7.53 -19.19
C ILE B 52 0.41 -6.21 -19.84
N VAL B 53 1.58 -6.13 -20.47
CA VAL B 53 1.97 -4.93 -21.22
C VAL B 53 1.70 -5.16 -22.70
N PRO B 54 1.23 -4.15 -23.44
CA PRO B 54 1.01 -4.33 -24.88
C PRO B 54 2.32 -4.37 -25.65
N ARG B 55 2.45 -5.35 -26.52
CA ARG B 55 3.67 -5.54 -27.28
C ARG B 55 3.77 -4.48 -28.38
N ASP B 56 4.94 -4.41 -29.00
CA ASP B 56 5.17 -3.41 -30.04
C ASP B 56 5.33 -3.99 -31.43
N ALA B 57 5.89 -5.19 -31.58
CA ALA B 57 6.05 -5.76 -32.91
C ALA B 57 5.83 -7.26 -32.94
N GLY B 58 5.19 -7.83 -31.94
CA GLY B 58 5.19 -9.26 -31.73
C GLY B 58 4.02 -9.97 -32.38
N ASN B 59 4.00 -11.29 -32.19
CA ASN B 59 2.99 -12.15 -32.79
C ASN B 59 2.93 -13.44 -31.98
N ILE B 60 1.83 -13.66 -31.25
CA ILE B 60 1.70 -14.80 -30.35
C ILE B 60 0.62 -15.73 -30.90
N ILE B 61 0.96 -17.02 -31.01
CA ILE B 61 0.12 -18.00 -31.69
C ILE B 61 -0.03 -19.22 -30.81
N ILE B 62 -1.26 -19.57 -30.43
CA ILE B 62 -1.48 -20.89 -29.85
C ILE B 62 -1.81 -21.84 -30.99
N ASP B 63 -0.75 -22.29 -31.68
CA ASP B 63 -0.58 -23.40 -32.62
C ASP B 63 -1.31 -23.25 -33.96
N ASP B 64 -2.36 -22.44 -34.00
CA ASP B 64 -2.97 -22.08 -35.27
C ASP B 64 -3.63 -20.71 -35.24
N ASP B 65 -3.70 -20.07 -34.08
CA ASP B 65 -4.57 -18.92 -33.87
C ASP B 65 -3.76 -17.63 -33.90
N ASP B 66 -4.36 -16.53 -33.46
CA ASP B 66 -3.58 -15.30 -33.23
C ASP B 66 -4.19 -14.60 -32.03
N ILE B 67 -3.60 -14.81 -30.86
CA ILE B 67 -4.13 -14.28 -29.62
C ILE B 67 -3.40 -13.00 -29.24
N SER B 68 -2.75 -12.37 -30.22
CA SER B 68 -1.91 -11.23 -29.91
C SER B 68 -2.68 -9.98 -29.52
N LEU B 69 -4.00 -9.96 -29.66
CA LEU B 69 -4.77 -8.79 -29.25
C LEU B 69 -5.89 -9.18 -28.29
N LEU B 70 -5.76 -10.35 -27.68
CA LEU B 70 -6.68 -10.74 -26.64
C LEU B 70 -6.22 -10.18 -25.30
N PRO B 71 -7.13 -9.87 -24.39
CA PRO B 71 -6.70 -9.34 -23.08
C PRO B 71 -6.10 -10.40 -22.18
N LEU B 72 -5.83 -10.03 -20.94
CA LEU B 72 -5.15 -10.93 -20.00
C LEU B 72 -6.02 -12.12 -19.62
N HIS B 73 -7.30 -11.89 -19.36
CA HIS B 73 -8.15 -12.96 -18.86
C HIS B 73 -8.58 -13.90 -19.95
N ALA B 74 -8.63 -13.44 -21.20
CA ALA B 74 -9.02 -14.29 -22.31
C ALA B 74 -7.97 -15.32 -22.65
N ARG B 75 -6.69 -15.02 -22.44
CA ARG B 75 -5.65 -16.01 -22.67
C ARG B 75 -5.55 -17.02 -21.55
N ALA B 76 -5.97 -16.65 -20.35
CA ALA B 76 -5.91 -17.58 -19.22
C ALA B 76 -6.93 -18.70 -19.33
N ARG B 77 -7.99 -18.51 -20.12
CA ARG B 77 -8.95 -19.56 -20.35
C ARG B 77 -8.62 -20.42 -21.57
N ARG B 78 -7.76 -19.93 -22.46
CA ARG B 78 -7.29 -20.75 -23.55
C ARG B 78 -6.16 -21.68 -23.14
N GLY B 79 -5.54 -21.45 -21.99
CA GLY B 79 -4.55 -22.37 -21.49
C GLY B 79 -3.30 -21.78 -20.88
N ILE B 80 -3.08 -20.47 -21.03
CA ILE B 80 -1.86 -19.85 -20.54
C ILE B 80 -1.99 -19.62 -19.04
N GLY B 81 -1.08 -20.21 -18.27
CA GLY B 81 -0.99 -19.95 -16.85
C GLY B 81 0.19 -19.06 -16.55
N TYR B 82 0.20 -18.47 -15.36
CA TYR B 82 1.20 -17.46 -15.05
C TYR B 82 1.48 -17.43 -13.57
N LEU B 83 2.77 -17.48 -13.21
CA LEU B 83 3.22 -17.32 -11.84
C LEU B 83 4.09 -16.07 -11.78
N PRO B 84 3.69 -15.01 -11.09
CA PRO B 84 4.45 -13.76 -11.13
C PRO B 84 5.70 -13.85 -10.26
N GLN B 85 6.55 -12.86 -10.41
CA GLN B 85 7.76 -12.78 -9.60
C GLN B 85 7.53 -11.99 -8.32
N GLU B 86 6.62 -11.03 -8.31
CA GLU B 86 6.59 -10.02 -7.26
C GLU B 86 5.66 -10.38 -6.09
N ALA B 87 5.74 -11.63 -5.61
CA ALA B 87 5.22 -12.07 -4.30
C ALA B 87 3.72 -11.80 -4.15
N SER B 88 2.93 -12.54 -4.93
CA SER B 88 1.50 -12.27 -5.07
C SER B 88 0.62 -13.37 -4.46
N ILE B 89 0.37 -13.27 -3.15
CA ILE B 89 -0.66 -14.09 -2.51
C ILE B 89 -1.79 -13.16 -2.13
N PHE B 90 -2.91 -13.72 -1.69
CA PHE B 90 -4.08 -12.92 -1.39
C PHE B 90 -4.02 -12.26 -0.01
N ARG B 91 -3.12 -12.71 0.85
CA ARG B 91 -2.65 -12.02 2.05
C ARG B 91 -3.65 -11.88 3.20
N ARG B 92 -4.91 -12.19 2.98
CA ARG B 92 -5.84 -12.28 4.09
C ARG B 92 -6.77 -13.47 4.00
N LEU B 93 -6.80 -14.19 2.90
CA LEU B 93 -7.36 -15.52 2.93
C LEU B 93 -6.35 -16.46 3.54
N SER B 94 -6.78 -17.67 3.86
CA SER B 94 -5.90 -18.65 4.45
C SER B 94 -5.02 -19.28 3.37
N VAL B 95 -4.30 -20.32 3.72
CA VAL B 95 -3.61 -21.09 2.69
C VAL B 95 -4.59 -22.07 2.04
N TYR B 96 -5.54 -22.58 2.83
CA TYR B 96 -6.56 -23.44 2.26
C TYR B 96 -7.51 -22.66 1.37
N ASP B 97 -7.74 -21.39 1.69
CA ASP B 97 -8.57 -20.57 0.82
C ASP B 97 -7.79 -19.96 -0.34
N ASN B 98 -6.47 -19.92 -0.25
CA ASN B 98 -5.69 -19.49 -1.40
C ASN B 98 -5.76 -20.53 -2.51
N LEU B 99 -5.80 -21.80 -2.14
CA LEU B 99 -5.90 -22.87 -3.13
C LEU B 99 -7.33 -23.05 -3.60
N MET B 100 -8.30 -22.81 -2.71
CA MET B 100 -9.69 -23.02 -3.06
C MET B 100 -10.25 -21.89 -3.93
N ALA B 101 -9.66 -20.69 -3.86
CA ALA B 101 -10.21 -19.57 -4.60
C ALA B 101 -9.97 -19.68 -6.09
N VAL B 102 -8.98 -20.46 -6.51
CA VAL B 102 -8.79 -20.73 -7.93
C VAL B 102 -9.35 -22.08 -8.33
N LEU B 103 -9.94 -22.82 -7.39
CA LEU B 103 -10.67 -24.03 -7.72
C LEU B 103 -12.17 -23.81 -7.82
N GLN B 104 -12.66 -22.58 -7.56
CA GLN B 104 -14.02 -22.19 -7.89
C GLN B 104 -14.20 -21.86 -9.36
N ILE B 105 -13.18 -22.11 -10.16
CA ILE B 105 -13.16 -22.01 -11.61
C ILE B 105 -12.96 -23.47 -11.98
N ARG B 106 -12.70 -23.76 -13.26
CA ARG B 106 -12.60 -25.13 -13.80
C ARG B 106 -13.92 -25.87 -13.61
N ASP B 107 -14.90 -25.48 -14.41
CA ASP B 107 -16.25 -26.05 -14.28
C ASP B 107 -16.32 -27.49 -14.80
N ASP B 108 -15.52 -28.37 -14.20
CA ASP B 108 -15.57 -29.80 -14.42
C ASP B 108 -15.35 -30.55 -13.12
N LEU B 109 -15.11 -29.86 -12.02
CA LEU B 109 -14.95 -30.45 -10.71
C LEU B 109 -16.21 -30.17 -9.91
N SER B 110 -16.77 -31.20 -9.29
CA SER B 110 -17.92 -31.03 -8.42
C SER B 110 -17.42 -30.61 -7.05
N ALA B 111 -18.34 -30.57 -6.07
CA ALA B 111 -17.94 -30.28 -4.71
C ALA B 111 -17.13 -31.40 -4.06
N GLU B 112 -17.11 -32.60 -4.65
CA GLU B 112 -16.25 -33.66 -4.16
C GLU B 112 -14.79 -33.47 -4.57
N GLN B 113 -14.50 -33.41 -5.86
CA GLN B 113 -13.12 -33.36 -6.31
C GLN B 113 -12.51 -31.96 -6.26
N ARG B 114 -13.29 -30.96 -5.88
CA ARG B 114 -12.71 -29.68 -5.51
C ARG B 114 -12.14 -29.72 -4.10
N GLU B 115 -12.59 -30.68 -3.28
CA GLU B 115 -12.19 -30.72 -1.88
C GLU B 115 -11.00 -31.64 -1.68
N ASP B 116 -10.89 -32.70 -2.48
CA ASP B 116 -9.75 -33.61 -2.40
C ASP B 116 -8.66 -33.28 -3.41
N ARG B 117 -8.77 -32.14 -4.09
CA ARG B 117 -7.65 -31.60 -4.84
C ARG B 117 -6.87 -30.60 -4.01
N ALA B 118 -7.56 -29.75 -3.26
CA ALA B 118 -6.90 -28.85 -2.34
C ALA B 118 -6.27 -29.60 -1.18
N ASN B 119 -6.86 -30.72 -0.76
CA ASN B 119 -6.26 -31.52 0.30
C ASN B 119 -5.18 -32.43 -0.22
N GLU B 120 -5.02 -32.55 -1.54
CA GLU B 120 -3.92 -33.30 -2.12
C GLU B 120 -2.79 -32.40 -2.58
N LEU B 121 -3.09 -31.16 -2.98
CA LEU B 121 -2.04 -30.22 -3.34
C LEU B 121 -1.27 -29.76 -2.12
N MET B 122 -1.90 -29.79 -0.95
CA MET B 122 -1.20 -29.48 0.29
C MET B 122 -0.44 -30.67 0.85
N GLU B 123 -0.40 -31.80 0.14
CA GLU B 123 0.42 -32.91 0.56
C GLU B 123 1.71 -33.01 -0.24
N GLU B 124 1.63 -32.76 -1.55
CA GLU B 124 2.80 -32.82 -2.41
C GLU B 124 3.67 -31.58 -2.29
N PHE B 125 3.25 -30.57 -1.55
CA PHE B 125 4.06 -29.39 -1.29
C PHE B 125 4.49 -29.28 0.15
N HIS B 126 3.98 -30.15 1.03
CA HIS B 126 4.25 -30.17 2.47
C HIS B 126 3.91 -28.85 3.15
N ILE B 127 2.72 -28.33 2.86
CA ILE B 127 2.24 -27.13 3.55
C ILE B 127 0.97 -27.44 4.30
N GLU B 128 0.76 -28.71 4.66
CA GLU B 128 -0.49 -29.08 5.31
C GLU B 128 -0.57 -28.63 6.75
N HIS B 129 0.56 -28.32 7.39
CA HIS B 129 0.51 -27.82 8.76
C HIS B 129 0.21 -26.34 8.82
N LEU B 130 0.22 -25.66 7.67
CA LEU B 130 -0.19 -24.27 7.55
C LEU B 130 -1.57 -24.17 6.94
N ARG B 131 -2.49 -25.06 7.36
CA ARG B 131 -3.76 -25.21 6.65
C ARG B 131 -4.62 -23.95 6.73
N ASP B 132 -4.72 -23.34 7.90
CA ASP B 132 -5.33 -22.02 7.99
C ASP B 132 -4.47 -21.15 8.91
N SER B 133 -3.43 -20.55 8.35
CA SER B 133 -2.71 -19.60 9.18
C SER B 133 -3.17 -18.19 8.87
N MET B 134 -2.74 -17.69 7.71
CA MET B 134 -3.12 -16.42 7.08
C MET B 134 -2.26 -16.32 5.83
N GLY B 135 -2.47 -15.30 5.02
CA GLY B 135 -1.54 -15.07 3.93
C GLY B 135 -0.39 -14.22 4.39
N GLN B 136 -0.69 -13.18 5.18
CA GLN B 136 0.32 -12.24 5.65
C GLN B 136 1.37 -12.91 6.51
N SER B 137 0.94 -13.76 7.43
CA SER B 137 1.85 -14.42 8.37
C SER B 137 2.42 -15.70 7.77
N LEU B 138 3.01 -15.59 6.60
CA LEU B 138 3.77 -16.67 5.99
C LEU B 138 5.21 -16.19 5.90
N SER B 139 6.05 -16.98 5.24
CA SER B 139 7.48 -16.78 5.44
C SER B 139 8.24 -17.20 4.20
N GLY B 140 8.55 -16.23 3.34
CA GLY B 140 9.56 -16.40 2.32
C GLY B 140 9.31 -17.51 1.32
N GLY B 141 10.04 -18.62 1.50
CA GLY B 141 9.80 -19.79 0.70
C GLY B 141 8.47 -20.46 0.95
N GLU B 142 7.92 -20.30 2.16
CA GLU B 142 6.58 -20.82 2.42
C GLU B 142 5.54 -20.03 1.65
N ARG B 143 5.76 -18.73 1.49
CA ARG B 143 4.92 -17.93 0.61
C ARG B 143 5.11 -18.34 -0.84
N ARG B 144 6.30 -18.78 -1.21
CA ARG B 144 6.54 -19.18 -2.59
C ARG B 144 5.95 -20.53 -2.90
N ARG B 145 5.84 -21.41 -1.90
CA ARG B 145 5.27 -22.72 -2.15
C ARG B 145 3.75 -22.70 -2.25
N VAL B 146 3.11 -21.62 -1.82
CA VAL B 146 1.68 -21.50 -2.03
C VAL B 146 1.39 -20.92 -3.40
N GLU B 147 2.22 -19.96 -3.86
CA GLU B 147 2.02 -19.36 -5.17
C GLU B 147 2.28 -20.36 -6.30
N ILE B 148 3.15 -21.33 -6.09
CA ILE B 148 3.32 -22.37 -7.09
C ILE B 148 2.14 -23.33 -7.05
N ALA B 149 1.71 -23.70 -5.84
CA ALA B 149 0.58 -24.62 -5.69
C ALA B 149 -0.72 -24.00 -6.16
N ARG B 150 -0.85 -22.68 -6.06
CA ARG B 150 -2.04 -22.02 -6.58
C ARG B 150 -2.02 -21.97 -8.09
N ALA B 151 -0.84 -21.85 -8.69
CA ALA B 151 -0.74 -21.77 -10.15
C ALA B 151 -0.92 -23.11 -10.82
N LEU B 152 -0.55 -24.21 -10.18
CA LEU B 152 -0.83 -25.53 -10.71
C LEU B 152 -2.25 -25.97 -10.45
N ALA B 153 -3.00 -25.23 -9.63
CA ALA B 153 -4.36 -25.61 -9.32
C ALA B 153 -5.35 -25.18 -10.40
N ALA B 154 -4.95 -24.30 -11.31
CA ALA B 154 -5.85 -23.86 -12.36
C ALA B 154 -6.02 -24.88 -13.47
N ASN B 155 -5.20 -25.95 -13.46
CA ASN B 155 -5.07 -26.89 -14.56
C ASN B 155 -4.93 -26.22 -15.93
N PRO B 156 -3.84 -25.52 -16.19
CA PRO B 156 -3.68 -24.89 -17.50
C PRO B 156 -2.90 -25.79 -18.44
N LYS B 157 -2.59 -25.30 -19.63
CA LYS B 157 -1.41 -25.75 -20.35
C LYS B 157 -0.31 -24.74 -20.06
N PHE B 158 0.80 -24.82 -20.80
CA PHE B 158 1.73 -23.72 -21.12
C PHE B 158 2.02 -22.75 -19.98
N ILE B 159 2.39 -23.30 -18.82
CA ILE B 159 2.63 -22.47 -17.64
C ILE B 159 3.91 -21.67 -17.86
N LEU B 160 3.89 -20.42 -17.42
CA LEU B 160 5.07 -19.58 -17.52
C LEU B 160 5.56 -19.30 -16.09
N LEU B 161 6.34 -20.23 -15.56
CA LEU B 161 6.80 -20.12 -14.18
C LEU B 161 7.95 -19.14 -14.12
N ASP B 162 7.72 -17.98 -13.52
CA ASP B 162 8.74 -16.95 -13.38
C ASP B 162 9.31 -17.01 -11.98
N GLU B 163 10.57 -17.42 -11.88
CA GLU B 163 11.33 -17.65 -10.65
C GLU B 163 10.59 -18.57 -9.69
N PRO B 164 10.49 -19.86 -9.97
CA PRO B 164 9.82 -20.74 -9.01
C PRO B 164 10.64 -20.99 -7.76
N PHE B 165 11.95 -21.13 -7.91
CA PHE B 165 12.83 -21.49 -6.82
C PHE B 165 13.53 -20.29 -6.22
N ALA B 166 12.87 -19.13 -6.16
CA ALA B 166 13.50 -17.94 -5.62
C ALA B 166 13.54 -17.99 -4.11
N GLY B 167 14.56 -18.64 -3.57
CA GLY B 167 14.71 -18.73 -2.13
C GLY B 167 13.71 -19.65 -1.49
N VAL B 168 13.72 -20.92 -1.89
CA VAL B 168 12.79 -21.86 -1.28
C VAL B 168 13.49 -22.70 -0.23
N ASP B 169 14.37 -23.61 -0.67
CA ASP B 169 14.92 -24.64 0.20
C ASP B 169 16.01 -25.32 -0.61
N PRO B 170 16.81 -26.22 -0.07
CA PRO B 170 17.43 -27.24 -0.93
C PRO B 170 16.60 -28.50 -1.06
N ILE B 171 15.67 -28.73 -0.13
CA ILE B 171 14.83 -29.92 -0.19
C ILE B 171 13.56 -29.71 -1.00
N SER B 172 12.82 -28.64 -0.74
CA SER B 172 11.57 -28.41 -1.45
C SER B 172 11.75 -28.06 -2.93
N VAL B 173 12.98 -27.88 -3.42
CA VAL B 173 13.12 -27.72 -4.85
C VAL B 173 13.13 -29.09 -5.53
N ILE B 174 13.82 -30.08 -4.95
CA ILE B 174 13.80 -31.42 -5.53
C ILE B 174 12.48 -32.13 -5.27
N ASP B 175 11.60 -31.54 -4.47
CA ASP B 175 10.23 -32.00 -4.32
C ASP B 175 9.28 -31.28 -5.27
N ILE B 176 9.61 -30.05 -5.66
CA ILE B 176 8.84 -29.37 -6.69
C ILE B 176 9.21 -29.90 -8.06
N LYS B 177 10.50 -30.16 -8.27
CA LYS B 177 10.99 -30.69 -9.54
C LYS B 177 10.41 -32.07 -9.86
N ARG B 178 10.05 -32.84 -8.84
CA ARG B 178 9.43 -34.14 -9.09
C ARG B 178 8.00 -33.97 -9.55
N ILE B 179 7.27 -33.00 -9.00
CA ILE B 179 5.87 -32.80 -9.40
C ILE B 179 5.72 -31.75 -10.49
N ILE B 180 6.82 -31.26 -11.06
CA ILE B 180 6.74 -30.52 -12.31
C ILE B 180 7.10 -31.43 -13.47
N GLU B 181 7.62 -32.62 -13.18
CA GLU B 181 7.83 -33.64 -14.20
C GLU B 181 6.68 -34.63 -14.27
N HIS B 182 5.97 -34.83 -13.17
CA HIS B 182 4.78 -35.66 -13.22
C HIS B 182 3.62 -34.96 -13.92
N LEU B 183 3.68 -33.64 -14.02
CA LEU B 183 2.74 -32.92 -14.87
C LEU B 183 3.26 -32.75 -16.29
N ARG B 184 4.56 -32.91 -16.50
CA ARG B 184 5.11 -32.91 -17.85
C ARG B 184 4.68 -34.14 -18.61
N ASP B 185 4.59 -35.30 -17.94
CA ASP B 185 4.17 -36.52 -18.59
C ASP B 185 2.68 -36.53 -18.92
N SER B 186 1.89 -35.67 -18.30
CA SER B 186 0.46 -35.56 -18.58
C SER B 186 0.16 -34.46 -19.59
N GLY B 187 1.12 -34.13 -20.44
CA GLY B 187 0.90 -33.16 -21.49
C GLY B 187 0.77 -31.72 -21.02
N LEU B 188 1.85 -31.14 -20.52
CA LEU B 188 1.85 -29.78 -20.02
C LEU B 188 3.28 -29.28 -20.05
N GLY B 189 3.55 -28.24 -20.83
CA GLY B 189 4.90 -27.78 -21.06
C GLY B 189 5.13 -26.39 -20.47
N VAL B 190 6.04 -26.31 -19.51
CA VAL B 190 6.24 -25.10 -18.75
C VAL B 190 7.50 -24.39 -19.24
N LEU B 191 7.68 -23.16 -18.76
CA LEU B 191 8.77 -22.28 -19.16
C LEU B 191 9.45 -21.76 -17.90
N ILE B 192 10.40 -22.54 -17.36
CA ILE B 192 11.07 -22.16 -16.12
C ILE B 192 12.15 -21.15 -16.45
N THR B 193 12.32 -20.15 -15.57
CA THR B 193 13.33 -19.12 -15.77
C THR B 193 14.03 -18.74 -14.48
N ASP B 194 14.50 -19.72 -13.71
CA ASP B 194 15.14 -19.40 -12.46
C ASP B 194 16.61 -19.03 -12.69
N HIS B 195 17.32 -18.78 -11.60
CA HIS B 195 18.69 -18.30 -11.66
C HIS B 195 19.74 -19.28 -11.11
N ASN B 196 19.37 -20.19 -10.22
CA ASN B 196 20.36 -21.20 -9.86
C ASN B 196 20.46 -22.22 -10.98
N VAL B 197 21.46 -22.08 -11.85
CA VAL B 197 21.46 -22.96 -13.02
C VAL B 197 22.18 -24.25 -12.67
N ARG B 198 21.53 -25.03 -11.83
CA ARG B 198 21.87 -26.40 -11.53
C ARG B 198 20.63 -27.23 -11.29
N GLU B 199 19.55 -26.62 -10.81
CA GLU B 199 18.22 -27.18 -10.68
C GLU B 199 17.35 -26.91 -11.88
N THR B 200 17.60 -25.82 -12.61
CA THR B 200 16.76 -25.50 -13.76
C THR B 200 17.31 -26.13 -15.03
N LEU B 201 18.63 -26.33 -15.11
CA LEU B 201 19.21 -26.93 -16.29
C LEU B 201 19.22 -28.44 -16.22
N ALA B 202 19.09 -29.01 -15.03
CA ALA B 202 18.98 -30.45 -14.89
C ALA B 202 17.55 -30.95 -14.99
N VAL B 203 16.60 -30.06 -15.22
CA VAL B 203 15.22 -30.48 -15.47
C VAL B 203 14.72 -30.07 -16.85
N CYS B 204 15.29 -29.04 -17.47
CA CYS B 204 14.83 -28.60 -18.78
C CYS B 204 15.34 -29.52 -19.88
N GLU B 205 14.68 -29.45 -21.03
CA GLU B 205 15.09 -30.17 -22.23
C GLU B 205 15.76 -29.27 -23.24
N ARG B 206 15.40 -27.99 -23.28
CA ARG B 206 16.06 -27.00 -24.10
C ARG B 206 16.33 -25.77 -23.24
N ALA B 207 16.88 -24.73 -23.86
CA ALA B 207 17.15 -23.49 -23.16
C ALA B 207 17.24 -22.37 -24.20
N TYR B 208 16.95 -21.16 -23.74
CA TYR B 208 17.13 -19.96 -24.55
C TYR B 208 17.89 -18.96 -23.70
N ILE B 209 19.21 -18.94 -23.81
CA ILE B 209 20.02 -17.97 -23.09
C ILE B 209 19.84 -16.63 -23.77
N VAL B 210 19.26 -15.67 -23.07
CA VAL B 210 18.96 -14.36 -23.63
C VAL B 210 19.76 -13.32 -22.88
N SER B 211 20.57 -12.56 -23.62
CA SER B 211 21.26 -11.39 -23.13
C SER B 211 20.45 -10.15 -23.49
N GLN B 212 21.06 -8.98 -23.33
CA GLN B 212 20.44 -7.66 -23.14
C GLN B 212 19.14 -7.39 -23.91
N GLY B 213 19.05 -7.85 -25.15
CA GLY B 213 17.75 -7.99 -25.76
C GLY B 213 17.65 -9.18 -26.70
N HIS B 214 18.74 -9.92 -26.87
CA HIS B 214 18.86 -10.85 -27.96
C HIS B 214 19.05 -12.27 -27.46
N LEU B 215 18.60 -13.24 -28.25
CA LEU B 215 19.04 -14.61 -28.10
C LEU B 215 20.52 -14.70 -28.44
N ILE B 216 21.28 -15.39 -27.60
CA ILE B 216 22.68 -15.65 -27.89
C ILE B 216 23.00 -17.13 -27.95
N ALA B 217 22.12 -18.00 -27.46
CA ALA B 217 22.33 -19.44 -27.53
C ALA B 217 21.00 -20.14 -27.42
N HIS B 218 20.98 -21.39 -27.89
CA HIS B 218 19.78 -22.23 -27.85
C HIS B 218 20.22 -23.65 -28.13
N GLY B 219 19.79 -24.60 -27.31
CA GLY B 219 20.10 -25.99 -27.57
C GLY B 219 19.95 -26.84 -26.32
N THR B 220 20.68 -27.95 -26.33
CA THR B 220 20.60 -28.93 -25.25
C THR B 220 21.22 -28.38 -23.99
N PRO B 221 20.79 -28.84 -22.80
CA PRO B 221 21.45 -28.41 -21.57
C PRO B 221 22.88 -28.86 -21.43
N THR B 222 23.32 -29.90 -22.16
CA THR B 222 24.71 -30.31 -22.12
C THR B 222 25.55 -29.52 -23.13
N GLU B 223 24.92 -28.66 -23.91
CA GLU B 223 25.51 -27.73 -24.87
C GLU B 223 25.70 -26.34 -24.30
N ILE B 224 24.74 -25.86 -23.49
CA ILE B 224 24.71 -24.48 -22.99
C ILE B 224 25.90 -24.19 -22.10
N LEU B 225 26.38 -25.20 -21.37
CA LEU B 225 27.53 -25.00 -20.50
C LEU B 225 28.82 -24.86 -21.31
N GLN B 226 28.99 -25.66 -22.36
CA GLN B 226 30.21 -25.59 -23.16
C GLN B 226 30.05 -24.67 -24.38
N ASP B 227 29.41 -23.52 -24.18
CA ASP B 227 29.49 -22.40 -25.09
C ASP B 227 30.20 -21.28 -24.35
N GLU B 228 31.18 -20.67 -25.01
CA GLU B 228 32.05 -19.78 -24.27
C GLU B 228 31.49 -18.36 -24.18
N HIS B 229 30.69 -17.94 -25.17
CA HIS B 229 29.98 -16.67 -25.08
C HIS B 229 28.88 -16.70 -24.04
N VAL B 230 28.38 -17.89 -23.70
CA VAL B 230 27.44 -18.00 -22.58
C VAL B 230 28.17 -17.80 -21.26
N LYS B 231 29.36 -18.39 -21.12
CA LYS B 231 30.13 -18.26 -19.89
C LYS B 231 30.71 -16.87 -19.70
N ARG B 232 30.68 -16.02 -20.71
CA ARG B 232 31.17 -14.66 -20.53
C ARG B 232 30.12 -13.76 -19.88
N VAL B 233 28.86 -13.82 -20.36
CA VAL B 233 27.81 -12.95 -19.85
C VAL B 233 26.83 -13.65 -18.92
N TYR B 234 26.95 -14.96 -18.76
CA TYR B 234 26.16 -15.74 -17.84
C TYR B 234 27.07 -16.80 -17.23
N LEU B 235 26.50 -17.68 -16.40
CA LEU B 235 27.08 -18.92 -15.90
C LEU B 235 28.27 -18.71 -14.97
N GLY B 236 28.65 -17.48 -14.68
CA GLY B 236 29.85 -17.23 -13.90
C GLY B 236 31.09 -17.59 -14.68
N GLU B 237 31.87 -18.53 -14.14
CA GLU B 237 33.09 -18.99 -14.77
C GLU B 237 33.46 -20.35 -14.19
N ASP B 238 34.02 -21.21 -15.03
CA ASP B 238 34.50 -22.56 -14.71
C ASP B 238 33.38 -23.41 -14.10
N PHE B 239 32.19 -23.31 -14.66
CA PHE B 239 31.03 -23.97 -14.08
C PHE B 239 30.87 -25.39 -14.60
N ARG B 240 30.38 -26.27 -13.74
CA ARG B 240 30.06 -27.64 -14.12
C ARG B 240 28.56 -27.79 -14.36
N ILE C 2 -15.93 -17.62 -3.34
CA ILE C 2 -15.12 -17.49 -2.13
C ILE C 2 -14.12 -16.38 -2.37
N ILE C 3 -14.04 -15.91 -3.62
CA ILE C 3 -13.25 -14.73 -3.92
C ILE C 3 -14.13 -13.50 -4.09
N ILE C 4 -15.44 -13.68 -4.26
CA ILE C 4 -16.36 -12.54 -4.17
C ILE C 4 -16.59 -12.19 -2.71
N ARG C 5 -16.55 -13.18 -1.83
CA ARG C 5 -16.60 -12.92 -0.40
C ARG C 5 -15.36 -12.19 0.08
N TYR C 6 -14.22 -12.40 -0.58
CA TYR C 6 -13.01 -11.69 -0.20
C TYR C 6 -12.98 -10.28 -0.76
N LEU C 7 -13.57 -10.08 -1.94
CA LEU C 7 -13.66 -8.73 -2.48
C LEU C 7 -14.70 -7.90 -1.75
N VAL C 8 -15.70 -8.55 -1.15
CA VAL C 8 -16.72 -7.82 -0.40
C VAL C 8 -16.17 -7.38 0.94
N ARG C 9 -15.59 -8.30 1.70
CA ARG C 9 -15.15 -7.97 3.05
C ARG C 9 -13.91 -7.10 3.09
N GLU C 10 -13.29 -6.78 1.96
CA GLU C 10 -12.25 -5.77 1.95
C GLU C 10 -12.78 -4.40 1.57
N THR C 11 -13.92 -4.33 0.88
CA THR C 11 -14.53 -3.04 0.65
C THR C 11 -15.45 -2.66 1.77
N LEU C 12 -16.20 -3.62 2.31
CA LEU C 12 -17.12 -3.36 3.40
C LEU C 12 -16.40 -3.08 4.71
N LYS C 13 -15.15 -3.52 4.85
CA LYS C 13 -14.36 -3.13 5.99
C LYS C 13 -13.70 -1.79 5.80
N SER C 14 -13.62 -1.29 4.58
CA SER C 14 -13.11 0.03 4.31
C SER C 14 -14.18 1.04 3.93
N GLN C 15 -15.43 0.59 3.79
CA GLN C 15 -16.54 1.51 3.60
C GLN C 15 -17.04 2.04 4.94
N LEU C 16 -17.05 1.17 5.96
CA LEU C 16 -17.43 1.63 7.30
C LEU C 16 -16.41 2.59 7.88
N ALA C 17 -15.12 2.28 7.72
CA ALA C 17 -14.08 3.14 8.27
C ALA C 17 -13.86 4.41 7.48
N ILE C 18 -14.56 4.59 6.36
CA ILE C 18 -14.54 5.85 5.64
C ILE C 18 -15.86 6.59 5.77
N LEU C 19 -16.86 5.97 6.38
CA LEU C 19 -18.14 6.61 6.64
C LEU C 19 -18.14 7.28 8.02
N PHE C 20 -17.59 6.61 9.03
CA PHE C 20 -17.59 7.17 10.37
C PHE C 20 -16.60 8.32 10.47
N ILE C 21 -15.43 8.17 9.86
CA ILE C 21 -14.41 9.22 9.87
C ILE C 21 -14.89 10.44 9.09
N LEU C 22 -15.67 10.22 8.04
CA LEU C 22 -16.23 11.34 7.30
C LEU C 22 -17.45 11.94 7.99
N LEU C 23 -18.10 11.19 8.88
CA LEU C 23 -19.20 11.77 9.63
C LEU C 23 -18.72 12.57 10.82
N LEU C 24 -17.66 12.11 11.49
CA LEU C 24 -17.14 12.84 12.64
C LEU C 24 -16.48 14.14 12.24
N ILE C 25 -15.92 14.22 11.03
CA ILE C 25 -15.32 15.47 10.57
C ILE C 25 -16.41 16.48 10.26
N PHE C 26 -17.48 16.05 9.63
CA PHE C 26 -18.55 16.96 9.25
C PHE C 26 -19.55 17.22 10.36
N PHE C 27 -19.39 16.61 11.53
CA PHE C 27 -20.25 16.91 12.66
C PHE C 27 -19.55 17.65 13.78
N CYS C 28 -18.23 17.51 13.90
CA CYS C 28 -17.45 18.42 14.73
C CYS C 28 -17.60 19.85 14.23
N GLN C 29 -17.67 20.02 12.90
CA GLN C 29 -17.98 21.33 12.33
C GLN C 29 -19.38 21.80 12.72
N LYS C 30 -20.35 20.88 12.72
CA LYS C 30 -21.68 21.20 13.23
C LYS C 30 -21.76 21.13 14.75
N LEU C 31 -20.66 20.82 15.43
CA LEU C 31 -20.58 20.93 16.88
C LEU C 31 -19.86 22.21 17.32
N VAL C 32 -19.02 22.80 16.45
CA VAL C 32 -18.36 24.05 16.80
C VAL C 32 -19.11 25.28 16.32
N ARG C 33 -20.10 25.12 15.44
CA ARG C 33 -21.02 26.22 15.20
C ARG C 33 -22.03 26.36 16.34
N ILE C 34 -22.19 25.30 17.13
CA ILE C 34 -23.05 25.34 18.31
C ILE C 34 -22.48 26.30 19.34
N LEU C 35 -21.15 26.31 19.51
CA LEU C 35 -20.51 27.30 20.38
C LEU C 35 -20.67 28.71 19.83
N GLY C 36 -20.84 28.85 18.52
CA GLY C 36 -21.22 30.12 17.92
C GLY C 36 -22.71 30.40 17.95
N ALA C 37 -23.51 29.51 18.53
CA ALA C 37 -24.95 29.70 18.67
C ALA C 37 -25.41 29.27 20.05
N ALA C 38 -24.56 29.46 21.06
CA ALA C 38 -24.93 29.21 22.45
C ALA C 38 -24.72 30.41 23.36
N VAL C 39 -23.62 31.13 23.19
CA VAL C 39 -23.27 32.24 24.07
C VAL C 39 -23.77 33.55 23.46
N ASP C 40 -23.39 33.79 22.20
CA ASP C 40 -23.75 35.02 21.51
C ASP C 40 -25.11 34.95 20.82
N GLY C 41 -25.76 33.79 20.82
CA GLY C 41 -27.06 33.65 20.20
C GLY C 41 -28.21 33.81 21.18
N ASP C 42 -27.88 33.82 22.47
CA ASP C 42 -28.82 34.01 23.59
C ASP C 42 -29.92 32.95 23.61
N ILE C 43 -29.49 31.70 23.45
CA ILE C 43 -30.37 30.54 23.59
C ILE C 43 -29.67 29.51 24.48
N PRO C 44 -30.39 28.72 25.26
CA PRO C 44 -29.74 27.75 26.16
C PRO C 44 -29.23 26.53 25.39
N ALA C 45 -28.75 25.54 26.15
CA ALA C 45 -28.22 24.29 25.60
C ALA C 45 -29.04 23.14 26.19
N ASN C 46 -30.19 22.86 25.57
CA ASN C 46 -30.97 21.66 25.84
C ASN C 46 -31.26 20.89 24.56
N LEU C 47 -31.02 21.49 23.41
CA LEU C 47 -31.49 20.97 22.13
C LEU C 47 -30.37 20.40 21.27
N VAL C 48 -29.11 20.70 21.61
CA VAL C 48 -27.98 20.23 20.83
C VAL C 48 -27.79 18.71 21.00
N LEU C 49 -28.20 18.17 22.14
CA LEU C 49 -28.12 16.73 22.37
C LEU C 49 -29.05 15.97 21.44
N SER C 50 -30.22 16.55 21.15
CA SER C 50 -31.08 15.98 20.14
C SER C 50 -30.60 16.35 18.74
N LEU C 51 -30.22 17.61 18.53
CA LEU C 51 -29.97 18.13 17.18
C LEU C 51 -28.73 17.51 16.54
N LEU C 52 -27.80 16.99 17.34
CA LEU C 52 -26.69 16.24 16.79
C LEU C 52 -27.16 14.94 16.15
N GLY C 53 -27.86 14.11 16.92
CA GLY C 53 -28.35 12.83 16.43
C GLY C 53 -29.47 12.94 15.40
N LEU C 54 -30.13 14.09 15.30
CA LEU C 54 -31.15 14.30 14.29
C LEU C 54 -30.69 15.21 13.16
N GLY C 55 -29.46 15.74 13.24
CA GLY C 55 -28.88 16.41 12.10
C GLY C 55 -28.21 15.47 11.10
N VAL C 56 -28.28 14.17 11.34
CA VAL C 56 -27.64 13.15 10.53
C VAL C 56 -28.23 12.96 9.14
N PRO C 57 -29.53 12.66 8.94
CA PRO C 57 -29.94 12.12 7.63
C PRO C 57 -29.97 13.12 6.50
N GLU C 58 -29.81 14.41 6.77
CA GLU C 58 -29.53 15.33 5.69
C GLU C 58 -28.07 15.25 5.28
N MET C 59 -27.20 14.88 6.20
CA MET C 59 -25.78 14.74 5.93
C MET C 59 -25.44 13.36 5.38
N ALA C 60 -26.02 12.31 5.97
CA ALA C 60 -25.74 10.94 5.53
C ALA C 60 -26.67 10.50 4.42
N GLN C 61 -26.78 11.35 3.40
CA GLN C 61 -27.38 11.00 2.13
C GLN C 61 -26.55 11.50 0.97
N LEU C 62 -25.59 12.38 1.24
CA LEU C 62 -24.57 12.75 0.27
C LEU C 62 -23.31 11.95 0.44
N ILE C 63 -22.87 11.69 1.67
CA ILE C 63 -21.66 10.91 1.87
C ILE C 63 -21.91 9.41 1.86
N LEU C 64 -23.15 8.97 1.89
CA LEU C 64 -23.41 7.55 1.77
C LEU C 64 -23.19 7.02 0.35
N PRO C 65 -23.41 7.78 -0.73
CA PRO C 65 -22.77 7.39 -2.00
C PRO C 65 -21.26 7.55 -1.99
N LEU C 66 -20.72 8.56 -1.32
CA LEU C 66 -19.28 8.80 -1.38
C LEU C 66 -18.52 7.82 -0.50
N SER C 67 -19.16 7.25 0.51
CA SER C 67 -18.48 6.22 1.26
C SER C 67 -18.42 4.89 0.53
N LEU C 68 -19.02 4.79 -0.65
CA LEU C 68 -18.90 3.59 -1.47
C LEU C 68 -17.74 3.67 -2.46
N PHE C 69 -17.76 4.64 -3.36
CA PHE C 69 -16.75 4.60 -4.40
C PHE C 69 -15.41 5.12 -3.93
N LEU C 70 -15.36 5.82 -2.82
CA LEU C 70 -14.08 6.12 -2.21
C LEU C 70 -13.63 5.00 -1.29
N GLY C 71 -14.47 3.99 -1.10
CA GLY C 71 -14.04 2.80 -0.40
C GLY C 71 -13.63 1.73 -1.38
N LEU C 72 -14.07 1.85 -2.64
CA LEU C 72 -13.64 0.89 -3.65
C LEU C 72 -12.25 1.24 -4.18
N LEU C 73 -11.98 2.52 -4.37
CA LEU C 73 -10.65 2.95 -4.83
C LEU C 73 -9.59 2.68 -3.79
N MET C 74 -9.96 2.68 -2.51
CA MET C 74 -8.97 2.43 -1.48
C MET C 74 -8.63 0.95 -1.39
N THR C 75 -9.52 0.07 -1.80
CA THR C 75 -9.27 -1.36 -1.67
C THR C 75 -9.18 -2.10 -2.99
N LEU C 76 -9.36 -1.43 -4.13
CA LEU C 76 -8.94 -2.06 -5.37
C LEU C 76 -7.52 -1.68 -5.71
N GLY C 77 -7.16 -0.42 -5.50
CA GLY C 77 -5.79 0.01 -5.63
C GLY C 77 -4.85 -0.65 -4.63
N LYS C 78 -5.36 -1.05 -3.47
CA LYS C 78 -4.56 -1.84 -2.56
C LYS C 78 -4.35 -3.25 -3.09
N LEU C 79 -5.29 -3.75 -3.89
CA LEU C 79 -5.18 -5.09 -4.43
C LEU C 79 -4.46 -5.14 -5.77
N TYR C 80 -4.14 -3.99 -6.36
CA TYR C 80 -3.42 -3.97 -7.62
C TYR C 80 -1.92 -3.82 -7.44
N THR C 81 -1.50 -2.99 -6.47
CA THR C 81 -0.08 -2.82 -6.23
C THR C 81 0.55 -4.05 -5.62
N GLU C 82 -0.22 -4.81 -4.84
CA GLU C 82 0.26 -6.08 -4.31
C GLU C 82 0.07 -7.23 -5.27
N SER C 83 -0.33 -6.95 -6.50
CA SER C 83 -0.48 -7.91 -7.60
C SER C 83 -1.44 -9.04 -7.26
N GLU C 84 -2.53 -8.71 -6.57
CA GLU C 84 -3.51 -9.70 -6.19
C GLU C 84 -4.57 -9.93 -7.25
N ILE C 85 -4.74 -8.99 -8.18
CA ILE C 85 -5.74 -9.13 -9.24
C ILE C 85 -5.13 -9.66 -10.54
N THR C 86 -3.82 -9.50 -10.73
CA THR C 86 -3.18 -10.13 -11.88
C THR C 86 -3.14 -11.65 -11.74
N VAL C 87 -3.28 -12.16 -10.53
CA VAL C 87 -3.37 -13.61 -10.35
C VAL C 87 -4.84 -14.01 -10.42
N MET C 88 -5.74 -13.08 -10.14
CA MET C 88 -7.16 -13.35 -10.35
C MET C 88 -7.49 -13.45 -11.83
N HIS C 89 -6.86 -12.63 -12.67
CA HIS C 89 -7.10 -12.74 -14.10
C HIS C 89 -6.43 -13.96 -14.69
N ALA C 90 -5.20 -14.25 -14.25
CA ALA C 90 -4.40 -15.30 -14.86
C ALA C 90 -4.70 -16.67 -14.29
N CYS C 91 -5.88 -16.87 -13.71
CA CYS C 91 -6.34 -18.18 -13.29
C CYS C 91 -7.79 -18.41 -13.69
N GLY C 92 -8.25 -17.78 -14.75
CA GLY C 92 -9.69 -17.83 -14.98
C GLY C 92 -10.36 -16.48 -15.08
N LEU C 93 -11.05 -16.12 -14.00
CA LEU C 93 -12.12 -15.11 -13.96
C LEU C 93 -11.72 -13.78 -14.56
N SER C 94 -12.67 -13.14 -15.21
CA SER C 94 -12.44 -11.93 -15.98
C SER C 94 -12.60 -10.70 -15.10
N LYS C 95 -12.70 -9.53 -15.73
CA LYS C 95 -12.99 -8.29 -15.03
C LYS C 95 -14.45 -8.15 -14.65
N ALA C 96 -15.31 -9.03 -15.13
CA ALA C 96 -16.72 -9.01 -14.77
C ALA C 96 -17.03 -9.83 -13.53
N VAL C 97 -16.05 -10.06 -12.67
CA VAL C 97 -16.29 -10.61 -11.34
C VAL C 97 -16.18 -9.53 -10.28
N LEU C 98 -15.20 -8.64 -10.40
CA LEU C 98 -15.15 -7.50 -9.49
C LEU C 98 -15.99 -6.33 -9.97
N VAL C 99 -16.78 -6.51 -11.02
CA VAL C 99 -18.01 -5.73 -11.20
C VAL C 99 -19.15 -6.37 -10.45
N LYS C 100 -19.24 -7.69 -10.54
CA LYS C 100 -20.25 -8.46 -9.82
C LYS C 100 -20.04 -8.37 -8.31
N ALA C 101 -18.79 -8.18 -7.87
CA ALA C 101 -18.51 -8.01 -6.45
C ALA C 101 -18.68 -6.58 -5.98
N ALA C 102 -18.55 -5.61 -6.89
CA ALA C 102 -18.83 -4.21 -6.58
C ALA C 102 -20.27 -3.85 -6.85
N MET C 103 -21.15 -4.83 -6.97
CA MET C 103 -22.58 -4.62 -7.07
C MET C 103 -23.36 -5.45 -6.08
N ILE C 104 -22.72 -6.37 -5.36
CA ILE C 104 -23.37 -7.03 -4.24
C ILE C 104 -23.48 -6.08 -3.06
N LEU C 105 -22.38 -5.43 -2.69
CA LEU C 105 -22.40 -4.49 -1.59
C LEU C 105 -22.90 -3.11 -1.99
N ALA C 106 -23.08 -2.85 -3.27
CA ALA C 106 -23.80 -1.65 -3.66
C ALA C 106 -25.29 -1.79 -3.35
N VAL C 107 -25.80 -3.02 -3.32
CA VAL C 107 -27.14 -3.26 -2.81
C VAL C 107 -27.19 -3.02 -1.30
N PHE C 108 -26.11 -3.38 -0.60
CA PHE C 108 -26.08 -3.22 0.86
C PHE C 108 -26.05 -1.75 1.27
N THR C 109 -25.55 -0.88 0.39
CA THR C 109 -25.59 0.55 0.65
C THR C 109 -26.86 1.19 0.13
N ALA C 110 -27.35 0.77 -1.03
CA ALA C 110 -28.61 1.30 -1.56
C ALA C 110 -29.83 0.90 -0.75
N ILE C 111 -29.75 -0.14 0.07
CA ILE C 111 -30.83 -0.38 1.02
C ILE C 111 -30.78 0.64 2.15
N VAL C 112 -29.60 0.86 2.74
CA VAL C 112 -29.45 1.79 3.85
C VAL C 112 -29.65 3.23 3.39
N ALA C 113 -29.20 3.56 2.18
CA ALA C 113 -29.45 4.90 1.66
C ALA C 113 -30.88 5.11 1.19
N ALA C 114 -31.71 4.06 1.17
CA ALA C 114 -33.13 4.24 0.88
C ALA C 114 -33.96 4.41 2.13
N VAL C 115 -33.61 3.67 3.20
CA VAL C 115 -34.22 3.89 4.50
C VAL C 115 -33.94 5.29 5.00
N ASN C 116 -32.73 5.78 4.72
CA ASN C 116 -32.33 7.12 5.12
C ASN C 116 -33.09 8.20 4.38
N VAL C 117 -33.59 7.92 3.18
CA VAL C 117 -34.15 8.97 2.34
C VAL C 117 -35.69 8.98 2.37
N MET C 118 -36.33 7.96 2.91
CA MET C 118 -37.80 8.03 3.02
C MET C 118 -38.37 7.55 4.34
N TRP C 119 -37.59 7.03 5.27
CA TRP C 119 -38.09 6.69 6.60
C TRP C 119 -37.36 7.41 7.72
N ALA C 120 -36.30 8.14 7.42
CA ALA C 120 -35.63 8.97 8.40
C ALA C 120 -35.33 10.38 7.91
N GLY C 121 -35.45 10.63 6.62
CA GLY C 121 -35.49 11.97 6.08
C GLY C 121 -36.66 12.79 6.60
N PRO C 122 -37.90 12.32 6.37
CA PRO C 122 -39.05 13.03 6.95
C PRO C 122 -39.16 12.92 8.46
N TRP C 123 -38.68 11.83 9.07
CA TRP C 123 -38.74 11.69 10.52
C TRP C 123 -37.88 12.72 11.23
N SER C 124 -36.80 13.18 10.60
CA SER C 124 -35.98 14.22 11.18
C SER C 124 -36.73 15.55 11.20
N SER C 125 -37.41 15.88 10.11
CA SER C 125 -38.06 17.18 10.04
C SER C 125 -39.41 17.21 10.75
N ARG C 126 -39.87 16.10 11.31
CA ARG C 126 -40.96 16.10 12.27
C ARG C 126 -40.44 15.97 13.69
N HIS C 127 -39.14 16.10 13.86
CA HIS C 127 -38.50 16.23 15.17
C HIS C 127 -37.52 17.39 15.21
N GLN C 128 -37.17 17.97 14.07
CA GLN C 128 -36.45 19.24 14.05
C GLN C 128 -37.40 20.41 14.07
N ASP C 129 -38.64 20.22 13.62
CA ASP C 129 -39.62 21.29 13.60
C ASP C 129 -40.51 21.28 14.84
N GLU C 130 -40.41 20.24 15.68
CA GLU C 130 -41.16 20.20 16.94
C GLU C 130 -40.33 20.68 18.12
N VAL C 131 -39.04 20.35 18.16
CA VAL C 131 -38.11 20.94 19.11
C VAL C 131 -37.00 21.61 18.33
N LEU C 132 -36.61 22.81 18.79
CA LEU C 132 -35.65 23.71 18.11
C LEU C 132 -36.07 24.02 16.68
N GLU C 133 -37.19 24.72 16.56
CA GLU C 133 -37.68 25.20 15.27
C GLU C 133 -36.71 26.22 14.65
N MET C 249 -42.77 21.00 4.34
CA MET C 249 -43.58 21.42 3.21
C MET C 249 -43.58 20.36 2.12
N ASP C 250 -42.51 19.59 2.04
CA ASP C 250 -42.31 18.58 1.01
C ASP C 250 -41.71 17.33 1.60
N MET C 251 -42.17 16.92 2.77
CA MET C 251 -41.54 15.81 3.48
C MET C 251 -42.54 14.71 3.81
N ARG C 252 -43.31 14.28 2.83
CA ARG C 252 -44.21 13.15 2.97
C ARG C 252 -43.45 11.85 2.68
N THR C 253 -44.17 10.75 2.51
CA THR C 253 -43.57 9.46 2.19
C THR C 253 -43.87 9.01 0.77
N LEU C 254 -45.12 9.03 0.35
CA LEU C 254 -45.52 8.59 -0.97
C LEU C 254 -46.21 9.73 -1.73
N TRP C 255 -45.81 9.91 -2.98
CA TRP C 255 -46.25 11.04 -3.78
C TRP C 255 -46.98 10.59 -5.05
N ASN C 256 -47.29 9.32 -5.18
CA ASN C 256 -48.09 8.82 -6.30
C ASN C 256 -49.58 9.02 -6.09
N THR C 257 -49.97 9.73 -5.03
CA THR C 257 -51.35 10.09 -4.77
C THR C 257 -51.68 11.52 -5.18
N ASP C 258 -50.80 12.47 -4.89
CA ASP C 258 -51.01 13.86 -5.27
C ASP C 258 -50.34 14.13 -6.62
N THR C 259 -50.58 15.33 -7.15
CA THR C 259 -50.10 15.76 -8.45
C THR C 259 -49.56 17.18 -8.37
N ASP C 260 -48.83 17.48 -7.30
CA ASP C 260 -48.35 18.82 -7.02
C ASP C 260 -47.26 19.20 -8.02
N ARG C 261 -47.04 20.50 -8.18
CA ARG C 261 -46.04 21.01 -9.11
C ARG C 261 -44.61 20.85 -8.62
N ALA C 262 -44.42 20.56 -7.33
CA ALA C 262 -43.10 20.24 -6.80
C ALA C 262 -42.85 18.76 -7.02
N ARG C 263 -42.48 18.42 -8.26
CA ARG C 263 -42.03 17.10 -8.61
C ARG C 263 -40.52 16.96 -8.53
N ALA C 264 -39.87 17.79 -7.71
CA ALA C 264 -38.46 17.59 -7.40
C ALA C 264 -38.28 16.29 -6.64
N GLU C 265 -39.06 16.09 -5.58
CA GLU C 265 -39.11 14.81 -4.92
C GLU C 265 -39.75 13.77 -5.83
N LEU C 266 -39.44 12.50 -5.55
CA LEU C 266 -39.61 11.30 -6.39
C LEU C 266 -38.74 11.31 -7.65
N ASN C 267 -37.98 12.36 -7.89
CA ASN C 267 -36.90 12.35 -8.85
C ASN C 267 -35.59 12.75 -8.22
N TRP C 268 -35.60 13.20 -6.98
CA TRP C 268 -34.42 13.43 -6.18
C TRP C 268 -34.37 12.51 -4.97
N ARG C 269 -35.52 12.09 -4.47
CA ARG C 269 -35.57 11.02 -3.48
C ARG C 269 -35.21 9.68 -4.09
N ILE C 270 -35.45 9.50 -5.38
CA ILE C 270 -35.17 8.23 -6.04
C ILE C 270 -33.73 8.17 -6.53
N THR C 271 -33.23 9.21 -7.17
CA THR C 271 -31.88 9.18 -7.71
C THR C 271 -30.80 9.48 -6.68
N LEU C 272 -31.10 9.36 -5.41
CA LEU C 272 -30.10 9.14 -4.39
C LEU C 272 -29.94 7.65 -4.09
N VAL C 273 -30.58 6.80 -4.88
CA VAL C 273 -30.39 5.36 -4.82
C VAL C 273 -29.72 4.83 -6.08
N VAL C 274 -30.05 5.40 -7.24
CA VAL C 274 -29.33 5.07 -8.47
C VAL C 274 -27.93 5.67 -8.45
N THR C 275 -27.71 6.68 -7.61
CA THR C 275 -26.36 7.23 -7.45
C THR C 275 -25.44 6.21 -6.77
N VAL C 276 -26.00 5.40 -5.89
CA VAL C 276 -25.22 4.34 -5.24
C VAL C 276 -24.86 3.25 -6.25
N PHE C 277 -25.80 2.91 -7.14
CA PHE C 277 -25.54 1.85 -8.11
C PHE C 277 -24.58 2.30 -9.19
N MET C 278 -24.71 3.53 -9.65
CA MET C 278 -23.95 3.96 -10.80
C MET C 278 -22.53 4.34 -10.43
N MET C 279 -22.33 5.01 -9.29
CA MET C 279 -20.98 5.43 -8.91
C MET C 279 -20.12 4.24 -8.50
N ALA C 280 -20.74 3.14 -8.08
CA ALA C 280 -19.97 1.92 -7.84
C ALA C 280 -19.50 1.30 -9.14
N LEU C 281 -20.22 1.51 -10.23
CA LEU C 281 -19.85 0.91 -11.50
C LEU C 281 -18.79 1.72 -12.23
N MET C 282 -18.80 3.04 -12.09
CA MET C 282 -17.87 3.89 -12.80
C MET C 282 -16.48 3.91 -12.18
N VAL C 283 -16.26 3.19 -11.08
CA VAL C 283 -14.98 3.23 -10.39
C VAL C 283 -14.26 1.90 -10.40
N VAL C 284 -14.86 0.85 -10.92
CA VAL C 284 -14.09 -0.35 -11.27
C VAL C 284 -13.02 -0.08 -12.31
N PRO C 285 -13.28 0.55 -13.46
CA PRO C 285 -12.18 0.73 -14.42
C PRO C 285 -11.28 1.91 -14.11
N LEU C 286 -11.58 2.70 -13.08
CA LEU C 286 -10.71 3.82 -12.72
C LEU C 286 -9.67 3.44 -11.68
N SER C 287 -9.62 2.18 -11.26
CA SER C 287 -8.67 1.75 -10.26
C SER C 287 -7.42 1.11 -10.85
N VAL C 288 -7.53 0.52 -12.04
CA VAL C 288 -6.41 -0.18 -12.63
C VAL C 288 -5.44 0.85 -13.20
N VAL C 289 -4.47 1.25 -12.37
CA VAL C 289 -3.48 2.23 -12.78
C VAL C 289 -2.10 1.77 -12.32
N ASN C 290 -2.04 0.65 -11.62
CA ASN C 290 -0.81 0.26 -10.91
C ASN C 290 -0.23 -1.09 -11.32
N PRO C 291 0.31 -1.25 -12.55
CA PRO C 291 1.13 -2.45 -12.76
C PRO C 291 2.48 -2.37 -12.05
N ARG C 292 3.34 -1.47 -12.51
CA ARG C 292 4.71 -1.36 -12.05
C ARG C 292 5.21 0.07 -12.03
N GLN C 293 4.37 1.04 -12.37
CA GLN C 293 4.77 2.44 -12.47
C GLN C 293 3.55 3.29 -12.18
N GLY C 294 3.62 4.57 -12.54
CA GLY C 294 2.48 5.45 -12.42
C GLY C 294 2.17 5.81 -10.98
N ARG C 295 1.15 6.65 -10.83
CA ARG C 295 0.76 7.18 -9.53
C ARG C 295 -0.43 6.40 -8.98
N VAL C 296 -0.59 6.47 -7.66
CA VAL C 296 -1.78 6.02 -6.98
C VAL C 296 -2.86 7.08 -6.99
N LEU C 297 -2.50 8.30 -7.40
CA LEU C 297 -3.42 9.45 -7.40
C LEU C 297 -4.44 9.29 -8.52
N SER C 298 -5.43 8.46 -8.25
CA SER C 298 -6.54 8.21 -9.16
C SER C 298 -7.87 8.58 -8.53
N MET C 299 -7.84 9.14 -7.32
CA MET C 299 -9.04 9.65 -6.67
C MET C 299 -9.50 10.96 -7.26
N LEU C 300 -8.70 11.61 -8.09
CA LEU C 300 -9.09 12.90 -8.65
C LEU C 300 -10.12 12.81 -9.79
N PRO C 301 -10.01 11.94 -10.80
CA PRO C 301 -11.08 11.94 -11.82
C PRO C 301 -12.37 11.33 -11.33
N ALA C 302 -12.33 10.51 -10.29
CA ALA C 302 -13.57 10.01 -9.73
C ALA C 302 -14.26 11.06 -8.86
N MET C 303 -13.49 11.84 -8.11
CA MET C 303 -14.10 12.85 -7.27
C MET C 303 -14.54 14.06 -8.08
N LEU C 304 -13.79 14.44 -9.11
CA LEU C 304 -14.19 15.54 -9.97
C LEU C 304 -15.41 15.22 -10.81
N LEU C 305 -15.71 13.95 -11.03
CA LEU C 305 -16.93 13.58 -11.70
C LEU C 305 -18.10 13.56 -10.75
N TYR C 306 -17.86 13.28 -9.47
CA TYR C 306 -18.94 13.25 -8.50
C TYR C 306 -19.37 14.67 -8.12
N LEU C 307 -18.48 15.64 -8.29
CA LEU C 307 -18.88 17.03 -8.14
C LEU C 307 -19.80 17.47 -9.27
N LEU C 308 -19.48 17.08 -10.50
CA LEU C 308 -20.28 17.49 -11.65
C LEU C 308 -21.67 16.87 -11.64
N PHE C 309 -21.84 15.73 -10.98
CA PHE C 309 -23.16 15.14 -10.83
C PHE C 309 -24.03 15.97 -9.90
N PHE C 310 -23.52 16.28 -8.70
CA PHE C 310 -24.28 17.01 -7.70
C PHE C 310 -24.22 18.52 -7.88
N LEU C 311 -23.60 19.02 -8.94
CA LEU C 311 -23.81 20.41 -9.32
C LEU C 311 -24.88 20.55 -10.39
N ILE C 312 -25.31 19.45 -10.99
CA ILE C 312 -26.36 19.46 -12.00
C ILE C 312 -27.62 18.78 -11.48
N GLN C 313 -27.50 17.54 -11.01
CA GLN C 313 -28.67 16.70 -10.82
C GLN C 313 -29.47 17.10 -9.58
N THR C 314 -28.79 17.44 -8.49
CA THR C 314 -29.52 17.91 -7.32
C THR C 314 -29.81 19.40 -7.39
N SER C 315 -29.34 20.08 -8.42
CA SER C 315 -29.58 21.49 -8.60
C SER C 315 -30.19 21.77 -9.97
N LEU C 316 -30.91 20.79 -10.51
CA LEU C 316 -31.82 20.97 -11.64
C LEU C 316 -33.26 21.01 -11.16
N LYS C 317 -33.46 21.23 -9.86
CA LYS C 317 -34.76 21.24 -9.24
C LYS C 317 -35.15 22.59 -8.65
N SER C 318 -34.23 23.54 -8.58
CA SER C 318 -34.56 24.86 -8.07
C SER C 318 -34.34 25.97 -9.09
N ASN C 319 -33.64 25.69 -10.19
CA ASN C 319 -33.65 26.57 -11.35
C ASN C 319 -34.32 25.92 -12.54
N GLY C 320 -34.57 24.62 -12.47
CA GLY C 320 -35.23 23.89 -13.53
C GLY C 320 -36.36 23.06 -12.98
N GLY C 321 -36.61 23.20 -11.67
CA GLY C 321 -37.83 22.67 -11.11
C GLY C 321 -38.77 23.84 -10.91
N LYS C 322 -39.74 23.68 -10.01
CA LYS C 322 -40.71 24.70 -9.56
C LYS C 322 -41.29 25.57 -10.68
N GLY C 323 -41.58 24.92 -11.81
CA GLY C 323 -42.25 25.62 -12.90
C GLY C 323 -41.34 26.26 -13.93
N LYS C 324 -40.13 25.73 -14.11
CA LYS C 324 -39.23 26.21 -15.16
C LYS C 324 -38.97 25.12 -16.20
N LEU C 325 -38.57 23.93 -15.77
CA LEU C 325 -38.42 22.79 -16.65
C LEU C 325 -39.12 21.59 -16.04
N ASP C 326 -39.19 20.51 -16.79
CA ASP C 326 -39.80 19.29 -16.30
C ASP C 326 -38.73 18.47 -15.58
N PRO C 327 -38.86 18.23 -14.27
CA PRO C 327 -37.84 17.44 -13.58
C PRO C 327 -38.07 15.95 -13.65
N THR C 328 -38.47 15.44 -14.81
CA THR C 328 -38.49 14.02 -15.09
C THR C 328 -37.79 13.77 -16.42
N LEU C 329 -37.87 14.75 -17.30
CA LEU C 329 -37.18 14.68 -18.59
C LEU C 329 -35.72 15.05 -18.46
N TRP C 330 -35.40 16.07 -17.66
CA TRP C 330 -34.03 16.54 -17.53
C TRP C 330 -33.29 15.92 -16.35
N MET C 331 -34.00 15.38 -15.36
CA MET C 331 -33.36 14.71 -14.24
C MET C 331 -33.16 13.23 -14.50
N TRP C 332 -33.21 12.81 -15.76
CA TRP C 332 -32.72 11.49 -16.15
C TRP C 332 -31.88 11.50 -17.42
N THR C 333 -31.98 12.51 -18.28
CA THR C 333 -30.99 12.64 -19.34
C THR C 333 -29.68 13.16 -18.82
N VAL C 334 -29.64 13.69 -17.60
CA VAL C 334 -28.38 13.86 -16.91
C VAL C 334 -27.98 12.55 -16.24
N ASN C 335 -28.95 11.80 -15.73
CA ASN C 335 -28.65 10.57 -15.01
C ASN C 335 -28.35 9.38 -15.92
N LEU C 336 -28.87 9.35 -17.13
CA LEU C 336 -28.58 8.22 -18.01
C LEU C 336 -27.42 8.46 -18.94
N ILE C 337 -27.13 9.72 -19.28
CA ILE C 337 -25.87 10.04 -19.95
C ILE C 337 -24.71 9.71 -19.03
N TYR C 338 -24.87 9.98 -17.75
CA TYR C 338 -23.91 9.67 -16.72
C TYR C 338 -23.94 8.21 -16.29
N LEU C 339 -24.85 7.41 -16.85
CA LEU C 339 -24.81 5.95 -16.67
C LEU C 339 -24.19 5.25 -17.86
N ALA C 340 -24.45 5.74 -19.07
CA ALA C 340 -23.77 5.20 -20.25
C ALA C 340 -22.30 5.57 -20.26
N LEU C 341 -21.91 6.61 -19.51
CA LEU C 341 -20.50 6.86 -19.26
C LEU C 341 -19.89 5.76 -18.40
N ALA C 342 -20.67 5.15 -17.52
CA ALA C 342 -20.16 4.09 -16.66
C ALA C 342 -20.23 2.71 -17.30
N ILE C 343 -20.60 2.62 -18.57
CA ILE C 343 -20.66 1.36 -19.28
C ILE C 343 -19.69 1.33 -20.45
N VAL C 344 -19.65 2.41 -21.23
CA VAL C 344 -18.71 2.49 -22.33
C VAL C 344 -17.29 2.66 -21.82
N LEU C 345 -17.10 3.13 -20.59
CA LEU C 345 -15.77 3.17 -19.99
C LEU C 345 -15.43 1.85 -19.31
N ASN C 346 -16.44 1.02 -19.04
CA ASN C 346 -16.16 -0.30 -18.48
C ASN C 346 -15.95 -1.33 -19.57
N LEU C 347 -16.60 -1.14 -20.72
CA LEU C 347 -16.49 -2.05 -21.86
C LEU C 347 -15.52 -1.44 -22.86
N TRP C 348 -14.24 -1.57 -22.57
CA TRP C 348 -13.17 -0.97 -23.37
C TRP C 348 -12.20 -2.05 -23.85
N ASP C 349 -12.75 -3.14 -24.37
CA ASP C 349 -11.94 -4.21 -24.91
C ASP C 349 -12.38 -4.68 -26.29
N THR C 350 -13.60 -4.37 -26.72
CA THR C 350 -14.10 -4.70 -28.06
C THR C 350 -14.76 -3.46 -28.64
N VAL C 351 -14.07 -2.32 -28.59
CA VAL C 351 -14.66 -1.05 -28.99
C VAL C 351 -14.82 -0.99 -30.50
N PHE C 352 -13.69 -0.97 -31.21
CA PHE C 352 -13.58 -1.20 -32.66
C PHE C 352 -12.11 -1.30 -33.02
N MET D 1 21.57 13.40 9.23
CA MET D 1 20.99 14.60 9.82
C MET D 1 21.50 15.84 9.10
N GLN D 2 20.63 16.42 8.28
CA GLN D 2 20.88 17.63 7.53
C GLN D 2 19.56 18.40 7.41
N PRO D 3 19.59 19.74 7.46
CA PRO D 3 18.36 20.50 7.22
C PRO D 3 17.85 20.33 5.79
N PHE D 4 16.67 19.73 5.67
CA PHE D 4 15.96 19.51 4.41
C PHE D 4 16.78 18.67 3.42
N GLY D 5 17.01 17.42 3.80
CA GLY D 5 17.84 16.52 3.02
C GLY D 5 17.14 15.86 1.87
N VAL D 6 17.35 14.55 1.71
CA VAL D 6 16.69 13.78 0.66
C VAL D 6 15.49 13.01 1.20
N LEU D 7 15.64 12.41 2.38
CA LEU D 7 14.51 11.72 2.99
C LEU D 7 13.45 12.70 3.46
N ASP D 8 13.84 13.92 3.83
CA ASP D 8 12.86 14.93 4.16
C ASP D 8 12.14 15.44 2.92
N ARG D 9 12.77 15.37 1.76
CA ARG D 9 12.08 15.65 0.51
C ARG D 9 11.23 14.48 0.06
N TYR D 10 11.46 13.28 0.60
CA TYR D 10 10.69 12.12 0.19
C TYR D 10 9.45 11.91 1.03
N ILE D 11 9.53 12.12 2.34
CA ILE D 11 8.31 12.09 3.14
C ILE D 11 7.54 13.39 2.98
N GLY D 12 8.25 14.49 2.72
CA GLY D 12 7.61 15.76 2.53
C GLY D 12 6.91 15.94 1.20
N LYS D 13 7.14 15.05 0.24
CA LYS D 13 6.44 15.07 -1.04
C LYS D 13 5.46 13.93 -1.19
N THR D 14 5.61 12.89 -0.38
CA THR D 14 4.63 11.80 -0.39
C THR D 14 3.34 12.24 0.26
N ILE D 15 3.42 12.78 1.48
CA ILE D 15 2.21 13.19 2.17
C ILE D 15 1.61 14.47 1.60
N PHE D 16 2.39 15.26 0.87
CA PHE D 16 1.86 16.52 0.37
C PHE D 16 0.89 16.29 -0.78
N THR D 17 1.04 15.19 -1.51
CA THR D 17 0.02 14.84 -2.49
C THR D 17 -1.13 14.08 -1.87
N THR D 18 -1.12 13.91 -0.55
CA THR D 18 -2.23 13.31 0.18
C THR D 18 -2.93 14.33 1.07
N ILE D 19 -2.22 15.38 1.50
CA ILE D 19 -2.88 16.51 2.15
C ILE D 19 -3.77 17.22 1.14
N MET D 20 -3.25 17.49 -0.05
CA MET D 20 -4.00 18.23 -1.05
C MET D 20 -5.07 17.39 -1.72
N MET D 21 -5.17 16.10 -1.42
CA MET D 21 -6.25 15.31 -1.97
C MET D 21 -7.35 15.07 -0.94
N THR D 22 -7.01 15.08 0.35
CA THR D 22 -8.03 15.05 1.39
C THR D 22 -8.65 16.42 1.57
N LEU D 23 -7.88 17.47 1.29
CA LEU D 23 -8.43 18.82 1.34
C LEU D 23 -9.42 19.03 0.21
N PHE D 24 -9.11 18.54 -0.98
CA PHE D 24 -10.03 18.71 -2.10
C PHE D 24 -11.29 17.87 -1.90
N MET D 25 -11.18 16.74 -1.22
CA MET D 25 -12.35 15.93 -0.95
C MET D 25 -13.26 16.53 0.11
N LEU D 26 -12.70 17.30 1.05
CA LEU D 26 -13.50 17.87 2.13
C LEU D 26 -14.02 19.26 1.81
N VAL D 27 -13.23 20.07 1.12
CA VAL D 27 -13.68 21.41 0.74
C VAL D 27 -14.78 21.33 -0.31
N SER D 28 -14.66 20.39 -1.26
CA SER D 28 -15.68 20.23 -2.26
C SER D 28 -16.97 19.67 -1.68
N LEU D 29 -16.87 18.72 -0.74
CA LEU D 29 -18.07 18.10 -0.20
C LEU D 29 -18.80 19.04 0.73
N SER D 30 -18.07 19.92 1.42
CA SER D 30 -18.73 20.97 2.18
C SER D 30 -19.26 22.05 1.26
N GLY D 31 -18.75 22.12 0.04
CA GLY D 31 -19.30 22.98 -0.98
C GLY D 31 -20.52 22.44 -1.69
N ILE D 32 -21.01 21.27 -1.29
CA ILE D 32 -22.26 20.74 -1.81
C ILE D 32 -23.41 21.00 -0.84
N ILE D 33 -23.20 20.73 0.45
CA ILE D 33 -24.23 20.98 1.44
C ILE D 33 -24.35 22.45 1.80
N LYS D 34 -23.43 23.30 1.34
CA LYS D 34 -23.67 24.73 1.30
C LYS D 34 -24.32 25.15 0.00
N PHE D 35 -24.18 24.35 -1.05
CA PHE D 35 -24.87 24.62 -2.30
C PHE D 35 -26.31 24.15 -2.22
N VAL D 36 -26.55 23.04 -1.53
CA VAL D 36 -27.90 22.49 -1.43
C VAL D 36 -28.77 23.40 -0.58
N ASP D 37 -28.27 23.84 0.57
CA ASP D 37 -29.04 24.68 1.48
C ASP D 37 -29.25 26.09 0.95
N GLN D 38 -28.26 26.68 0.30
CA GLN D 38 -28.42 28.03 -0.22
C GLN D 38 -29.19 28.07 -1.53
N LEU D 39 -29.60 26.92 -2.06
CA LEU D 39 -30.46 26.87 -3.23
C LEU D 39 -31.80 26.20 -2.94
N LYS D 40 -31.95 25.55 -1.78
CA LYS D 40 -33.22 24.90 -1.42
C LYS D 40 -34.30 25.94 -1.18
N LYS D 41 -33.99 26.98 -0.42
CA LYS D 41 -34.90 28.11 -0.27
C LYS D 41 -34.32 29.28 -1.06
N ALA D 42 -34.75 29.40 -2.32
CA ALA D 42 -34.32 30.48 -3.18
C ALA D 42 -35.22 31.70 -3.01
N GLY D 43 -36.51 31.54 -3.28
CA GLY D 43 -37.47 32.61 -3.08
C GLY D 43 -37.43 33.70 -4.13
N GLN D 44 -36.34 34.45 -4.20
CA GLN D 44 -36.24 35.62 -5.06
C GLN D 44 -35.48 35.26 -6.32
N GLY D 45 -35.55 36.16 -7.30
CA GLY D 45 -34.97 35.93 -8.61
C GLY D 45 -33.46 35.96 -8.63
N SER D 46 -32.87 36.61 -7.63
CA SER D 46 -31.41 36.65 -7.53
C SER D 46 -30.84 35.33 -7.00
N TYR D 47 -31.69 34.43 -6.52
CA TYR D 47 -31.26 33.15 -5.96
C TYR D 47 -31.56 32.06 -6.99
N ASP D 48 -30.55 31.69 -7.77
CA ASP D 48 -30.66 30.65 -8.78
C ASP D 48 -29.31 29.97 -8.89
N ALA D 49 -29.06 29.30 -10.02
CA ALA D 49 -27.83 28.56 -10.24
C ALA D 49 -26.58 29.43 -10.08
N LEU D 50 -26.60 30.62 -10.67
CA LEU D 50 -25.55 31.59 -10.41
C LEU D 50 -26.06 32.62 -9.40
N GLY D 51 -25.15 33.18 -8.64
CA GLY D 51 -25.48 34.16 -7.61
C GLY D 51 -25.77 33.57 -6.24
N ALA D 52 -26.48 32.45 -6.22
CA ALA D 52 -26.59 31.63 -5.02
C ALA D 52 -25.68 30.42 -5.07
N GLY D 53 -24.96 30.24 -6.18
CA GLY D 53 -23.92 29.26 -6.24
C GLY D 53 -22.56 29.92 -6.21
N MET D 54 -22.52 31.16 -6.69
CA MET D 54 -21.33 31.98 -6.56
C MET D 54 -21.05 32.32 -5.10
N TYR D 55 -22.09 32.27 -4.25
CA TYR D 55 -21.90 32.44 -2.82
C TYR D 55 -21.11 31.28 -2.23
N THR D 56 -21.22 30.08 -2.80
CA THR D 56 -20.43 28.97 -2.30
C THR D 56 -18.98 29.10 -2.74
N LEU D 57 -18.76 29.47 -4.01
CA LEU D 57 -17.41 29.61 -4.55
C LEU D 57 -16.65 30.76 -3.89
N LEU D 58 -17.34 31.77 -3.38
CA LEU D 58 -16.70 32.82 -2.61
C LEU D 58 -16.59 32.49 -1.14
N SER D 59 -16.92 31.27 -0.74
CA SER D 59 -16.86 30.87 0.66
C SER D 59 -15.90 29.72 0.92
N VAL D 60 -15.20 29.24 -0.11
CA VAL D 60 -14.21 28.19 0.10
C VAL D 60 -12.94 28.61 0.85
N PRO D 61 -12.45 29.86 0.89
CA PRO D 61 -11.36 30.15 1.83
C PRO D 61 -11.79 30.13 3.28
N LYS D 62 -13.08 30.24 3.58
CA LYS D 62 -13.51 30.01 4.94
C LYS D 62 -13.52 28.52 5.27
N ASP D 63 -13.75 27.67 4.27
CA ASP D 63 -13.83 26.23 4.48
C ASP D 63 -12.50 25.54 4.35
N VAL D 64 -11.41 26.29 4.17
CA VAL D 64 -10.06 25.75 4.23
C VAL D 64 -9.49 25.86 5.64
N GLN D 65 -9.76 26.98 6.33
CA GLN D 65 -9.22 27.19 7.66
C GLN D 65 -9.83 26.25 8.69
N ILE D 66 -11.12 25.92 8.54
CA ILE D 66 -11.74 25.00 9.48
C ILE D 66 -11.50 23.54 9.14
N PHE D 67 -11.13 23.24 7.90
CA PHE D 67 -10.91 21.86 7.48
C PHE D 67 -9.46 21.52 7.27
N PHE D 68 -8.53 22.40 7.59
CA PHE D 68 -7.13 22.01 7.44
C PHE D 68 -6.61 21.14 8.58
N PRO D 69 -6.93 21.36 9.87
CA PRO D 69 -6.51 20.36 10.86
C PRO D 69 -7.12 18.98 10.68
N MET D 70 -8.31 18.87 10.10
CA MET D 70 -8.87 17.54 9.89
C MET D 70 -8.45 16.93 8.56
N ALA D 71 -7.81 17.69 7.68
CA ALA D 71 -7.27 17.12 6.46
C ALA D 71 -5.78 16.91 6.53
N ALA D 72 -5.09 17.67 7.38
CA ALA D 72 -3.65 17.46 7.51
C ALA D 72 -3.34 16.38 8.53
N LEU D 73 -4.27 16.10 9.43
CA LEU D 73 -4.17 14.89 10.24
C LEU D 73 -4.48 13.65 9.41
N LEU D 74 -5.49 13.75 8.56
CA LEU D 74 -5.98 12.58 7.83
C LEU D 74 -5.05 12.18 6.70
N GLY D 75 -4.47 13.16 6.03
CA GLY D 75 -3.56 12.86 4.94
C GLY D 75 -2.16 12.49 5.38
N ALA D 76 -1.75 12.87 6.58
CA ALA D 76 -0.44 12.47 7.05
C ALA D 76 -0.42 11.00 7.44
N LEU D 77 -1.58 10.44 7.80
CA LEU D 77 -1.64 9.02 8.11
C LEU D 77 -1.87 8.17 6.87
N LEU D 78 -2.64 8.66 5.90
CA LEU D 78 -2.75 7.94 4.64
C LEU D 78 -1.46 8.02 3.84
N GLY D 79 -0.64 9.04 4.07
CA GLY D 79 0.65 9.11 3.40
C GLY D 79 1.71 8.27 4.03
N LEU D 80 1.77 8.23 5.36
CA LEU D 80 2.69 7.34 6.04
C LEU D 80 2.19 5.91 6.08
N GLY D 81 0.93 5.69 5.74
CA GLY D 81 0.43 4.33 5.69
C GLY D 81 0.97 3.56 4.51
N MET D 82 1.18 4.23 3.38
CA MET D 82 1.72 3.54 2.21
C MET D 82 3.23 3.34 2.32
N LEU D 83 3.90 4.05 3.23
CA LEU D 83 5.32 3.83 3.42
C LEU D 83 5.60 2.66 4.34
N ALA D 84 4.88 2.54 5.45
CA ALA D 84 5.16 1.43 6.35
C ALA D 84 4.61 0.13 5.85
N GLN D 85 3.61 0.16 4.96
CA GLN D 85 3.05 -1.07 4.42
C GLN D 85 4.01 -1.76 3.48
N ARG D 86 4.65 -0.99 2.60
CA ARG D 86 5.63 -1.51 1.65
C ARG D 86 7.01 -1.65 2.25
N SER D 87 7.12 -1.58 3.57
CA SER D 87 8.32 -1.91 4.37
C SER D 87 9.49 -0.99 4.07
N GLU D 88 9.23 0.17 3.47
CA GLU D 88 10.28 1.12 3.18
C GLU D 88 10.41 2.17 4.27
N LEU D 89 9.87 1.90 5.45
CA LEU D 89 10.05 2.77 6.60
C LEU D 89 10.84 2.08 7.70
N VAL D 90 10.84 0.75 7.74
CA VAL D 90 11.73 0.01 8.64
C VAL D 90 13.18 0.15 8.24
N VAL D 91 13.47 0.33 6.97
CA VAL D 91 14.85 0.48 6.51
C VAL D 91 15.37 1.87 6.78
N MET D 92 14.48 2.83 7.06
CA MET D 92 14.95 4.13 7.53
C MET D 92 15.40 4.01 8.98
N GLN D 93 14.61 3.35 9.80
CA GLN D 93 14.96 3.19 11.21
C GLN D 93 16.14 2.26 11.40
N ALA D 94 16.38 1.35 10.46
CA ALA D 94 17.53 0.47 10.55
C ALA D 94 18.78 1.06 9.92
N SER D 95 18.81 2.37 9.71
CA SER D 95 19.99 3.05 9.17
C SER D 95 20.27 4.35 9.89
N GLY D 96 19.75 4.52 11.10
CA GLY D 96 20.06 5.65 11.95
C GLY D 96 18.98 6.71 11.99
N PHE D 97 18.10 6.74 11.00
CA PHE D 97 17.03 7.73 10.93
C PHE D 97 16.01 7.39 12.00
N THR D 98 16.08 8.08 13.14
CA THR D 98 15.21 7.79 14.27
C THR D 98 13.78 8.24 13.99
N ARG D 99 12.84 7.69 14.75
CA ARG D 99 11.43 7.97 14.49
C ARG D 99 11.04 9.38 14.92
N MET D 100 11.81 10.00 15.80
CA MET D 100 11.65 11.43 16.03
C MET D 100 12.01 12.25 14.81
N GLN D 101 12.94 11.76 14.00
CA GLN D 101 13.33 12.46 12.78
C GLN D 101 12.34 12.22 11.65
N VAL D 102 11.59 11.12 11.68
CA VAL D 102 10.45 10.96 10.79
C VAL D 102 9.37 11.96 11.17
N ALA D 103 9.20 12.19 12.46
CA ALA D 103 8.23 13.17 12.94
C ALA D 103 8.65 14.59 12.60
N LEU D 104 9.95 14.86 12.61
CA LEU D 104 10.43 16.20 12.28
C LEU D 104 10.26 16.50 10.80
N SER D 105 10.36 15.48 9.95
CA SER D 105 10.20 15.68 8.52
C SER D 105 8.75 15.90 8.11
N VAL D 106 7.79 15.65 9.00
CA VAL D 106 6.42 16.06 8.75
C VAL D 106 6.21 17.50 9.19
N MET D 107 6.89 17.95 10.25
CA MET D 107 6.79 19.34 10.67
C MET D 107 7.46 20.28 9.70
N LYS D 108 8.41 19.82 8.90
CA LYS D 108 9.02 20.65 7.87
C LYS D 108 8.15 20.79 6.64
N THR D 109 6.99 20.13 6.59
CA THR D 109 6.13 20.20 5.43
C THR D 109 4.66 20.36 5.76
N ALA D 110 4.29 20.41 7.03
CA ALA D 110 2.93 20.74 7.43
C ALA D 110 2.83 22.04 8.22
N ILE D 111 3.89 22.44 8.91
CA ILE D 111 3.90 23.72 9.63
C ILE D 111 4.06 24.88 8.65
N PRO D 112 4.84 24.78 7.55
CA PRO D 112 4.65 25.78 6.48
C PRO D 112 3.32 25.70 5.75
N LEU D 113 2.52 24.66 5.97
CA LEU D 113 1.21 24.63 5.36
C LEU D 113 0.16 25.35 6.21
N VAL D 114 0.21 25.20 7.53
CA VAL D 114 -0.74 25.92 8.37
C VAL D 114 -0.40 27.39 8.45
N LEU D 115 0.84 27.78 8.20
CA LEU D 115 1.17 29.19 8.06
C LEU D 115 0.62 29.74 6.74
N LEU D 116 0.40 28.87 5.76
CA LEU D 116 -0.35 29.28 4.58
C LEU D 116 -1.85 29.27 4.85
N THR D 117 -2.30 28.42 5.77
CA THR D 117 -3.71 28.43 6.17
C THR D 117 -4.01 29.65 7.02
N MET D 118 -3.10 30.00 7.92
CA MET D 118 -3.19 31.24 8.67
C MET D 118 -3.13 32.47 7.78
N ALA D 119 -2.28 32.48 6.76
CA ALA D 119 -2.12 33.67 5.93
C ALA D 119 -3.31 33.93 5.04
N ILE D 120 -4.09 32.90 4.72
CA ILE D 120 -5.33 33.08 3.98
C ILE D 120 -6.54 33.04 4.89
N GLY D 121 -6.38 32.73 6.17
CA GLY D 121 -7.46 32.75 7.13
C GLY D 121 -7.68 34.07 7.82
N GLU D 122 -6.90 35.10 7.51
CA GLU D 122 -7.12 36.41 8.09
C GLU D 122 -7.04 37.55 7.09
N TRP D 123 -6.52 37.31 5.89
CA TRP D 123 -6.42 38.35 4.88
C TRP D 123 -7.43 38.21 3.76
N VAL D 124 -7.79 36.99 3.35
CA VAL D 124 -8.65 36.83 2.19
C VAL D 124 -9.93 36.10 2.57
N ALA D 125 -9.91 35.38 3.68
CA ALA D 125 -11.13 34.70 4.11
C ALA D 125 -12.16 35.64 4.75
N PRO D 126 -11.82 36.58 5.65
CA PRO D 126 -12.86 37.53 6.08
C PRO D 126 -13.21 38.56 5.02
N GLN D 127 -12.32 38.82 4.08
CA GLN D 127 -12.64 39.74 2.98
C GLN D 127 -13.63 39.09 2.03
N GLY D 128 -13.40 37.84 1.67
CA GLY D 128 -14.26 37.18 0.70
C GLY D 128 -15.58 36.74 1.28
N GLU D 129 -15.64 36.43 2.57
CA GLU D 129 -16.90 36.01 3.17
C GLU D 129 -17.83 37.20 3.37
N GLN D 130 -17.29 38.38 3.65
CA GLN D 130 -18.11 39.58 3.74
C GLN D 130 -18.54 40.05 2.36
N MET D 131 -17.68 39.84 1.35
CA MET D 131 -18.04 40.17 -0.03
C MET D 131 -19.13 39.22 -0.54
N ALA D 132 -19.18 38.00 -0.02
CA ALA D 132 -20.21 37.05 -0.41
C ALA D 132 -21.59 37.44 0.07
N ARG D 133 -21.69 38.27 1.11
CA ARG D 133 -22.97 38.75 1.60
C ARG D 133 -23.47 39.98 0.85
N ASN D 134 -22.76 40.41 -0.19
CA ASN D 134 -23.17 41.56 -0.99
C ASN D 134 -23.65 41.20 -2.38
N TYR D 135 -23.17 40.09 -2.94
CA TYR D 135 -23.77 39.57 -4.17
C TYR D 135 -24.93 38.64 -3.89
N ARG D 136 -25.28 38.45 -2.62
CA ARG D 136 -26.46 37.69 -2.22
C ARG D 136 -27.52 38.55 -1.56
N ALA D 137 -27.22 39.82 -1.27
CA ALA D 137 -28.16 40.71 -0.61
C ALA D 137 -28.13 42.09 -1.24
N GLN D 138 -28.15 42.13 -2.58
CA GLN D 138 -28.01 43.42 -3.26
C GLN D 138 -29.34 44.18 -3.35
N ALA D 139 -30.48 43.46 -3.41
CA ALA D 139 -31.78 44.12 -3.45
C ALA D 139 -32.83 43.35 -2.66
N MET D 140 -32.40 42.44 -1.79
CA MET D 140 -33.33 41.61 -1.03
C MET D 140 -33.67 42.25 0.31
N LEU D 249 -15.16 37.33 12.97
CA LEU D 249 -14.74 38.65 12.50
C LEU D 249 -13.46 38.55 11.69
N SER D 250 -12.33 38.59 12.40
CA SER D 250 -11.00 38.42 11.84
C SER D 250 -10.11 37.87 12.95
N ILE D 251 -8.80 37.93 12.75
CA ILE D 251 -7.84 37.68 13.80
C ILE D 251 -7.14 38.97 14.23
N SER D 252 -6.68 39.76 13.25
CA SER D 252 -6.15 41.09 13.54
C SER D 252 -7.22 42.04 14.07
N GLY D 253 -8.48 41.80 13.73
CA GLY D 253 -9.56 42.56 14.34
C GLY D 253 -9.78 42.24 15.80
N LEU D 254 -9.38 41.04 16.24
CA LEU D 254 -9.52 40.69 17.64
C LEU D 254 -8.44 41.33 18.51
N HIS D 255 -7.39 41.86 17.90
CA HIS D 255 -6.46 42.69 18.65
C HIS D 255 -7.09 44.04 18.99
N ASN D 256 -8.15 44.44 18.30
CA ASN D 256 -8.97 45.58 18.66
C ASN D 256 -10.06 45.22 19.64
N TYR D 257 -10.19 43.94 20.01
CA TYR D 257 -11.18 43.47 20.96
C TYR D 257 -10.53 43.04 22.27
N VAL D 258 -9.31 43.53 22.54
CA VAL D 258 -8.55 43.05 23.69
C VAL D 258 -9.08 43.66 24.99
N LYS D 259 -9.51 44.93 24.96
CA LYS D 259 -10.10 45.60 26.10
C LYS D 259 -11.39 46.32 25.77
N TYR D 260 -11.57 46.78 24.54
CA TYR D 260 -12.63 47.71 24.18
C TYR D 260 -13.94 47.00 23.87
N LEU D 261 -14.15 45.81 24.41
CA LEU D 261 -15.38 45.06 24.19
C LEU D 261 -16.57 45.68 24.93
N LYS D 262 -16.32 46.38 26.03
CA LYS D 262 -17.40 47.02 26.77
C LYS D 262 -17.37 48.54 26.60
N GLY D 269 -12.77 33.17 30.24
CA GLY D 269 -13.25 32.29 29.20
C GLY D 269 -13.44 32.97 27.86
N ARG D 270 -13.63 34.28 27.91
CA ARG D 270 -13.90 35.05 26.71
C ARG D 270 -13.14 36.37 26.68
N TYR D 271 -12.62 36.83 27.84
CA TYR D 271 -11.99 38.14 27.93
C TYR D 271 -10.70 38.21 27.13
N GLN D 272 -10.01 37.08 26.94
CA GLN D 272 -8.90 37.01 26.01
C GLN D 272 -8.83 35.72 25.19
N LEU D 273 -9.62 34.70 25.53
CA LEU D 273 -9.40 33.33 25.03
C LEU D 273 -10.20 33.11 23.75
N ASN D 274 -9.95 33.94 22.79
CA ASN D 274 -10.40 33.55 21.46
C ASN D 274 -9.30 33.70 20.42
N MET D 275 -8.43 34.69 20.57
CA MET D 275 -7.28 34.73 19.69
C MET D 275 -6.18 33.77 20.12
N TRP D 276 -5.97 33.58 21.42
CA TRP D 276 -4.81 32.80 21.87
C TRP D 276 -5.01 31.30 21.73
N SER D 277 -6.20 30.85 21.33
CA SER D 277 -6.33 29.49 20.83
C SER D 277 -6.20 29.41 19.32
N LYS D 278 -6.08 30.56 18.66
CA LYS D 278 -5.78 30.63 17.24
C LYS D 278 -4.46 31.30 16.93
N ILE D 279 -3.83 31.96 17.91
CA ILE D 279 -2.47 32.44 17.71
C ILE D 279 -1.50 31.27 17.59
N PHE D 280 -1.62 30.23 18.41
CA PHE D 280 -0.87 29.01 18.12
C PHE D 280 -1.86 27.93 17.71
N GLN D 281 -2.27 28.00 16.46
CA GLN D 281 -2.76 26.86 15.71
C GLN D 281 -1.60 26.05 15.10
N PRO D 282 -0.51 26.66 14.56
CA PRO D 282 0.66 25.84 14.20
C PRO D 282 1.25 24.99 15.31
N LEU D 283 1.14 25.41 16.55
CA LEU D 283 1.60 24.55 17.63
C LEU D 283 0.55 23.50 17.96
N SER D 284 -0.73 23.82 17.77
CA SER D 284 -1.79 22.87 18.12
C SER D 284 -2.03 21.84 17.03
N VAL D 285 -1.78 22.21 15.78
CA VAL D 285 -1.85 21.25 14.68
C VAL D 285 -0.73 20.22 14.82
N ALA D 286 0.45 20.66 15.26
CA ALA D 286 1.62 19.80 15.26
C ALA D 286 1.52 18.70 16.32
N VAL D 287 0.89 18.98 17.46
CA VAL D 287 0.73 17.93 18.47
C VAL D 287 -0.32 16.92 18.03
N MET D 288 -1.21 17.32 17.11
CA MET D 288 -2.14 16.35 16.55
C MET D 288 -1.44 15.40 15.59
N MET D 289 -0.38 15.86 14.92
CA MET D 289 0.39 14.97 14.05
C MET D 289 1.16 13.95 14.86
N LEU D 290 1.86 14.40 15.90
CA LEU D 290 2.73 13.51 16.66
C LEU D 290 1.94 12.51 17.48
N MET D 291 0.68 12.80 17.79
CA MET D 291 -0.18 11.79 18.39
C MET D 291 -0.69 10.81 17.33
N ALA D 292 -0.68 11.23 16.06
CA ALA D 292 -1.12 10.33 15.01
C ALA D 292 -0.02 9.34 14.64
N LEU D 293 1.14 9.84 14.22
CA LEU D 293 2.22 8.96 13.77
C LEU D 293 3.06 8.44 14.92
N SER D 294 2.39 7.96 15.97
CA SER D 294 3.01 7.14 16.99
C SER D 294 2.42 5.76 17.03
N PHE D 295 1.30 5.55 16.36
CA PHE D 295 0.67 4.25 16.25
C PHE D 295 0.89 3.62 14.89
N ILE D 296 1.62 4.30 14.01
CA ILE D 296 1.91 3.75 12.69
C ILE D 296 2.99 2.68 12.78
N PHE D 297 4.01 2.91 13.59
CA PHE D 297 5.15 2.01 13.66
C PHE D 297 4.78 0.69 14.33
N GLY D 298 5.41 -0.37 13.85
CA GLY D 298 5.15 -1.70 14.36
C GLY D 298 5.58 -2.77 13.37
N PRO D 299 5.38 -4.04 13.72
CA PRO D 299 5.67 -5.12 12.78
C PRO D 299 4.65 -5.16 11.65
N LEU D 300 4.98 -5.95 10.62
CA LEU D 300 4.18 -5.99 9.40
C LEU D 300 3.39 -7.27 9.23
N ARG D 301 3.53 -8.24 10.14
CA ARG D 301 2.95 -9.55 9.90
C ARG D 301 1.54 -9.68 10.47
N SER D 302 1.32 -9.24 11.70
CA SER D 302 0.08 -9.53 12.39
C SER D 302 -0.96 -8.42 12.23
N VAL D 303 -0.64 -7.21 12.66
CA VAL D 303 -1.59 -6.10 12.62
C VAL D 303 -1.64 -5.57 11.19
N PRO D 304 -2.74 -5.77 10.48
CA PRO D 304 -2.70 -5.61 9.02
C PRO D 304 -2.94 -4.21 8.49
N MET D 305 -2.35 -3.19 9.11
CA MET D 305 -2.34 -1.78 8.66
C MET D 305 -3.74 -1.16 8.55
N GLY D 306 -4.78 -1.86 8.99
CA GLY D 306 -6.11 -1.28 9.00
C GLY D 306 -6.32 -0.68 10.35
N VAL D 307 -6.11 -1.47 11.40
CA VAL D 307 -6.06 -0.87 12.72
C VAL D 307 -4.65 -0.45 13.04
N ARG D 308 -4.17 0.53 12.28
CA ARG D 308 -3.11 1.46 12.67
C ARG D 308 -3.37 2.86 12.16
N VAL D 309 -4.19 3.02 11.12
CA VAL D 309 -4.61 4.32 10.66
C VAL D 309 -5.88 4.77 11.36
N VAL D 310 -6.85 3.86 11.50
CA VAL D 310 -8.10 4.19 12.18
C VAL D 310 -7.84 4.41 13.68
N THR D 311 -6.87 3.68 14.24
CA THR D 311 -6.40 3.96 15.58
C THR D 311 -5.77 5.34 15.67
N GLY D 312 -4.99 5.70 14.64
CA GLY D 312 -4.33 7.00 14.66
C GLY D 312 -5.26 8.17 14.42
N ILE D 313 -6.32 7.99 13.63
CA ILE D 313 -7.28 9.07 13.43
C ILE D 313 -8.11 9.28 14.69
N SER D 314 -8.47 8.18 15.35
CA SER D 314 -9.31 8.28 16.54
C SER D 314 -8.55 8.92 17.71
N PHE D 315 -7.32 8.46 17.97
CA PHE D 315 -6.53 9.03 19.05
C PHE D 315 -6.07 10.45 18.74
N GLY D 316 -6.05 10.83 17.46
CA GLY D 316 -5.83 12.21 17.10
C GLY D 316 -7.09 13.04 16.95
N PHE D 317 -8.26 12.41 17.08
CA PHE D 317 -9.50 13.16 17.11
C PHE D 317 -9.95 13.50 18.52
N VAL D 318 -9.65 12.63 19.49
CA VAL D 318 -9.89 12.94 20.89
C VAL D 318 -9.09 14.16 21.32
N PHE D 319 -7.90 14.34 20.77
CA PHE D 319 -7.18 15.56 21.04
C PHE D 319 -7.75 16.79 20.34
N TYR D 320 -8.57 16.62 19.31
CA TYR D 320 -9.15 17.79 18.66
C TYR D 320 -10.41 18.28 19.34
N VAL D 321 -11.14 17.42 20.05
CA VAL D 321 -12.28 17.93 20.80
C VAL D 321 -11.84 18.55 22.11
N LEU D 322 -10.66 18.16 22.61
CA LEU D 322 -10.15 18.71 23.87
C LEU D 322 -9.35 19.99 23.68
N ASP D 323 -9.61 20.73 22.61
CA ASP D 323 -9.09 22.07 22.45
C ASP D 323 -10.17 23.14 22.47
N GLN D 324 -11.44 22.75 22.38
CA GLN D 324 -12.54 23.66 22.59
C GLN D 324 -13.45 23.21 23.73
N ILE D 325 -13.10 22.11 24.40
CA ILE D 325 -13.75 21.73 25.65
C ILE D 325 -12.91 22.12 26.86
N PHE D 326 -11.62 21.85 26.85
CA PHE D 326 -10.71 22.33 27.88
C PHE D 326 -10.36 23.81 27.72
N GLY D 327 -10.67 24.39 26.56
CA GLY D 327 -10.39 25.78 26.29
C GLY D 327 -11.15 26.73 27.19
N PRO D 328 -12.48 26.79 27.04
CA PRO D 328 -13.29 27.59 27.99
C PRO D 328 -13.43 26.92 29.36
N LEU D 329 -12.33 26.88 30.10
CA LEU D 329 -12.33 26.39 31.48
C LEU D 329 -11.42 27.23 32.35
N THR D 330 -11.50 28.55 32.21
CA THR D 330 -10.72 29.44 33.08
C THR D 330 -11.50 29.87 34.32
N LEU D 331 -12.81 29.62 34.35
CA LEU D 331 -13.66 30.02 35.47
C LEU D 331 -13.66 28.94 36.56
N VAL D 332 -12.47 28.56 36.97
CA VAL D 332 -12.29 27.57 38.04
C VAL D 332 -11.39 28.20 39.09
N TYR D 333 -10.24 28.72 38.68
CA TYR D 333 -9.35 29.40 39.61
C TYR D 333 -9.08 30.86 39.25
N GLY D 334 -8.94 31.17 37.96
CA GLY D 334 -8.51 32.49 37.57
C GLY D 334 -7.14 32.50 36.96
N ILE D 335 -6.84 31.46 36.18
CA ILE D 335 -5.59 31.34 35.44
C ILE D 335 -5.61 32.38 34.33
N PRO D 336 -4.46 32.91 33.92
CA PRO D 336 -4.40 33.72 32.70
C PRO D 336 -4.86 32.92 31.50
N PRO D 337 -5.74 33.48 30.67
CA PRO D 337 -6.25 32.72 29.52
C PRO D 337 -5.24 32.57 28.40
N ILE D 338 -4.17 33.35 28.39
CA ILE D 338 -3.19 33.28 27.33
C ILE D 338 -2.28 32.08 27.53
N ILE D 339 -1.91 31.80 28.79
CA ILE D 339 -1.11 30.63 29.12
C ILE D 339 -1.99 29.44 29.51
N GLY D 340 -3.22 29.70 29.95
CA GLY D 340 -4.13 28.63 30.28
C GLY D 340 -4.72 27.91 29.09
N ALA D 341 -4.63 28.52 27.90
CA ALA D 341 -5.06 27.89 26.67
C ALA D 341 -3.93 27.15 25.96
N LEU D 342 -2.77 27.06 26.60
CA LEU D 342 -1.62 26.35 26.09
C LEU D 342 -1.43 24.99 26.75
N LEU D 343 -1.99 24.81 27.94
CA LEU D 343 -1.98 23.57 28.73
C LEU D 343 -2.49 22.32 28.00
N PRO D 344 -3.56 22.33 27.17
CA PRO D 344 -3.92 21.07 26.51
C PRO D 344 -2.91 20.62 25.46
N SER D 345 -2.31 21.54 24.73
CA SER D 345 -1.31 21.15 23.73
C SER D 345 -0.03 20.67 24.41
N ALA D 346 0.45 21.40 25.41
CA ALA D 346 1.73 21.08 26.03
C ALA D 346 1.68 19.86 26.93
N SER D 347 0.50 19.49 27.44
CA SER D 347 0.40 18.29 28.25
C SER D 347 0.43 17.02 27.42
N PHE D 348 0.02 17.10 26.16
CA PHE D 348 0.11 15.96 25.26
C PHE D 348 1.37 16.00 24.41
N PHE D 349 1.97 17.17 24.23
CA PHE D 349 3.26 17.26 23.57
C PHE D 349 4.35 16.60 24.39
N LEU D 350 4.20 16.59 25.71
CA LEU D 350 5.13 15.85 26.54
C LEU D 350 4.93 14.34 26.41
N ILE D 351 3.68 13.89 26.43
CA ILE D 351 3.46 12.45 26.41
C ILE D 351 3.52 11.92 25.00
N SER D 352 3.50 12.80 23.99
CA SER D 352 3.77 12.34 22.64
C SER D 352 5.24 12.06 22.44
N LEU D 353 6.11 12.97 22.86
CA LEU D 353 7.55 12.78 22.73
C LEU D 353 8.08 11.62 23.56
N TRP D 354 7.28 11.09 24.49
CA TRP D 354 7.55 9.78 25.07
C TRP D 354 7.00 8.63 24.25
N LEU D 355 5.89 8.84 23.52
CA LEU D 355 5.26 7.78 22.75
C LEU D 355 6.14 7.30 21.59
N LEU D 356 6.94 8.17 21.00
CA LEU D 356 7.87 7.77 19.95
C LEU D 356 9.30 7.87 20.43
N MET D 357 9.51 7.55 21.70
CA MET D 357 10.84 7.31 22.27
C MET D 357 10.94 5.96 22.94
N ARG D 358 9.88 5.55 23.65
CA ARG D 358 9.80 4.32 24.45
C ARG D 358 10.96 4.18 25.43
#